data_6GTY
#
_entry.id   6GTY
#
_cell.length_a   90.610
_cell.length_b   90.610
_cell.length_c   91.530
_cell.angle_alpha   90.00
_cell.angle_beta   90.00
_cell.angle_gamma   90.00
#
_symmetry.space_group_name_H-M   'P 43'
#
loop_
_entity.id
_entity.type
_entity.pdbx_description
1 polymer 'Type 1 fimbrin D-mannose specific adhesin'
2 branched 'alpha-D-mannopyranose-(1-6)-methyl alpha-D-mannopyranoside'
3 water water
#
_entity_poly.entity_id   1
_entity_poly.type   'polypeptide(L)'
_entity_poly.pdbx_seq_one_letter_code
;FACKTANGTAIPIGGGSANVYVNLAPVVNVGQNLVVDLSTQIFCHNDYPETITDYVTLQRGSAYGGVLSNFSGTVKYSGS
SYPFPTTSETPRVVYNSRTDKPWPVALYLTPVSSAGGVAIKAGSLIAVLILRQTNNYNSDDFQFVWNIYANNDVVVPT
;
_entity_poly.pdbx_strand_id   A,B,C,D,E
#
loop_
_chem_comp.id
_chem_comp.type
_chem_comp.name
_chem_comp.formula
MAN D-saccharide, alpha linking alpha-D-mannopyranose 'C6 H12 O6'
MMA D-saccharide 'methyl alpha-D-mannopyranoside' 'C7 H14 O6'
#
# COMPACT_ATOMS: atom_id res chain seq x y z
N PHE A 1 15.60 38.09 -23.44
CA PHE A 1 15.19 37.28 -22.28
C PHE A 1 16.30 37.24 -21.23
N ALA A 2 15.94 37.55 -19.98
CA ALA A 2 16.89 37.55 -18.88
C ALA A 2 16.13 37.34 -17.58
N CYS A 3 16.87 36.92 -16.54
CA CYS A 3 16.27 36.60 -15.25
C CYS A 3 17.07 37.23 -14.11
N LYS A 4 16.46 37.24 -12.92
CA LYS A 4 17.14 37.70 -11.71
C LYS A 4 16.47 37.10 -10.49
N THR A 5 17.20 37.07 -9.38
CA THR A 5 16.65 36.59 -8.12
C THR A 5 16.05 37.74 -7.31
N ALA A 6 15.35 37.37 -6.23
CA ALA A 6 14.79 38.36 -5.32
C ALA A 6 15.90 39.18 -4.67
N ASN A 7 17.10 38.63 -4.59
CA ASN A 7 18.25 39.33 -4.02
C ASN A 7 18.93 40.26 -5.01
N GLY A 8 18.54 40.23 -6.28
CA GLY A 8 19.07 41.11 -7.28
C GLY A 8 20.11 40.49 -8.20
N THR A 9 20.53 39.26 -7.91
CA THR A 9 21.51 38.57 -8.76
C THR A 9 20.88 38.23 -10.10
N ALA A 10 21.59 38.58 -11.18
CA ALA A 10 21.06 38.44 -12.52
C ALA A 10 21.80 37.38 -13.32
N ILE A 11 21.08 36.74 -14.23
CA ILE A 11 21.66 35.99 -15.33
C ILE A 11 21.20 36.67 -16.62
N PRO A 12 22.10 37.23 -17.41
CA PRO A 12 21.68 38.06 -18.56
C PRO A 12 21.37 37.24 -19.81
N ILE A 13 21.03 37.97 -20.89
CA ILE A 13 20.84 37.39 -22.22
C ILE A 13 21.93 36.37 -22.51
N GLY A 14 21.54 35.20 -22.98
CA GLY A 14 22.46 34.14 -23.35
C GLY A 14 22.66 33.07 -22.29
N GLY A 15 22.13 33.28 -21.09
CA GLY A 15 22.24 32.29 -20.05
C GLY A 15 23.47 32.45 -19.18
N GLY A 16 23.67 31.45 -18.33
CA GLY A 16 24.70 31.50 -17.32
C GLY A 16 24.24 30.74 -16.09
N SER A 17 24.74 31.17 -14.92
CA SER A 17 24.44 30.48 -13.66
C SER A 17 24.40 31.50 -12.53
N ALA A 18 23.69 31.12 -11.46
CA ALA A 18 23.59 31.95 -10.28
C ALA A 18 23.28 31.07 -9.07
N ASN A 19 23.58 31.61 -7.89
CA ASN A 19 23.29 30.95 -6.62
C ASN A 19 22.03 31.55 -6.01
N VAL A 20 21.19 30.69 -5.43
CA VAL A 20 19.97 31.11 -4.77
C VAL A 20 19.97 30.52 -3.36
N TYR A 21 19.89 31.38 -2.34
CA TYR A 21 19.85 30.99 -0.93
C TYR A 21 18.44 31.16 -0.39
N VAL A 22 17.88 30.07 0.15
CA VAL A 22 16.46 30.05 0.52
C VAL A 22 16.30 29.62 1.98
N ASN A 23 15.33 30.25 2.66
CA ASN A 23 14.95 29.86 4.01
C ASN A 23 14.02 28.66 3.97
N LEU A 24 14.26 27.71 4.86
CA LEU A 24 13.52 26.46 4.91
C LEU A 24 12.86 26.26 6.27
N ALA A 25 11.69 25.64 6.28
CA ALA A 25 11.06 25.23 7.53
C ALA A 25 12.08 24.55 8.43
N PRO A 26 12.28 25.01 9.67
CA PRO A 26 13.35 24.43 10.50
C PRO A 26 13.03 23.05 11.04
N VAL A 27 11.77 22.63 11.08
CA VAL A 27 11.40 21.29 11.52
C VAL A 27 10.40 20.70 10.54
N VAL A 28 10.65 19.47 10.10
CA VAL A 28 9.76 18.73 9.21
C VAL A 28 9.67 17.28 9.71
N ASN A 29 8.47 16.81 9.92
CA ASN A 29 8.28 15.44 10.41
C ASN A 29 8.17 14.45 9.28
N VAL A 30 8.45 13.18 9.61
CA VAL A 30 8.26 12.10 8.65
C VAL A 30 6.86 12.11 8.09
N GLY A 31 6.75 12.03 6.77
CA GLY A 31 5.46 12.06 6.12
C GLY A 31 4.95 13.44 5.76
N GLN A 32 5.65 14.50 6.16
CA GLN A 32 5.24 15.89 5.96
C GLN A 32 6.08 16.50 4.84
N ASN A 33 5.48 17.39 4.08
CA ASN A 33 6.16 17.99 2.94
C ASN A 33 6.98 19.19 3.38
N LEU A 34 8.24 19.22 2.97
CA LEU A 34 9.06 20.44 3.00
C LEU A 34 8.89 21.12 1.65
N VAL A 35 8.38 22.34 1.65
CA VAL A 35 8.06 23.07 0.42
C VAL A 35 9.18 24.07 0.15
N VAL A 36 9.75 24.00 -1.04
CA VAL A 36 10.77 24.94 -1.50
C VAL A 36 10.19 25.66 -2.71
N ASP A 37 9.58 26.81 -2.49
CA ASP A 37 8.91 27.56 -3.55
C ASP A 37 9.86 28.57 -4.17
N LEU A 38 10.28 28.32 -5.41
CA LEU A 38 11.19 29.23 -6.08
C LEU A 38 10.46 30.30 -6.90
N SER A 39 9.13 30.23 -6.98
CA SER A 39 8.37 31.25 -7.69
C SER A 39 8.49 32.61 -6.99
N THR A 40 8.75 32.61 -5.68
CA THR A 40 9.01 33.86 -4.98
C THR A 40 10.46 34.31 -5.08
N GLN A 41 11.31 33.54 -5.75
CA GLN A 41 12.75 33.74 -5.73
C GLN A 41 13.37 34.00 -7.10
N ILE A 42 12.73 33.56 -8.19
CA ILE A 42 13.31 33.63 -9.53
C ILE A 42 12.29 34.26 -10.45
N PHE A 43 12.70 35.29 -11.20
CA PHE A 43 11.83 36.05 -12.07
C PHE A 43 12.52 36.28 -13.41
N CYS A 44 11.74 36.28 -14.50
CA CYS A 44 12.28 36.46 -15.83
C CYS A 44 11.36 37.38 -16.65
N HIS A 45 11.87 37.85 -17.78
CA HIS A 45 11.05 38.67 -18.67
C HIS A 45 11.54 38.52 -20.10
N ASN A 46 10.66 38.91 -21.05
CA ASN A 46 10.93 38.93 -22.49
C ASN A 46 11.41 40.32 -22.90
N ASP A 47 12.51 40.40 -23.66
CA ASP A 47 13.15 41.67 -23.99
C ASP A 47 12.63 42.32 -25.27
N TYR A 48 11.89 41.60 -26.12
CA TYR A 48 11.30 42.21 -27.31
C TYR A 48 9.97 41.55 -27.62
N PRO A 49 8.96 41.78 -26.77
CA PRO A 49 7.66 41.11 -26.97
C PRO A 49 6.87 41.63 -28.16
N GLU A 50 7.28 42.77 -28.75
CA GLU A 50 6.57 43.27 -29.91
C GLU A 50 6.58 42.24 -31.05
N THR A 51 7.65 41.46 -31.16
CA THR A 51 7.77 40.51 -32.26
C THR A 51 8.10 39.10 -31.81
N ILE A 52 8.75 38.94 -30.65
CA ILE A 52 9.27 37.64 -30.24
C ILE A 52 8.45 37.07 -29.08
N THR A 53 8.24 35.75 -29.12
CA THR A 53 7.66 34.99 -28.02
C THR A 53 8.72 34.04 -27.47
N ASP A 54 8.89 34.05 -26.15
CA ASP A 54 9.87 33.19 -25.49
C ASP A 54 9.20 31.95 -24.92
N TYR A 55 9.89 30.82 -25.01
CA TYR A 55 9.42 29.52 -24.50
C TYR A 55 10.42 29.04 -23.46
N VAL A 56 9.92 28.63 -22.28
CA VAL A 56 10.78 28.33 -21.14
C VAL A 56 10.34 27.00 -20.51
N THR A 57 11.29 26.09 -20.34
CA THR A 57 11.05 24.80 -19.71
C THR A 57 11.94 24.60 -18.49
N LEU A 58 11.56 23.65 -17.64
CA LEU A 58 12.48 23.07 -16.66
C LEU A 58 13.18 21.91 -17.38
N GLN A 59 14.40 22.14 -17.83
CA GLN A 59 15.12 21.14 -18.61
C GLN A 59 15.52 19.95 -17.75
N ARG A 60 16.02 20.23 -16.55
CA ARG A 60 16.56 19.23 -15.64
C ARG A 60 16.52 19.73 -14.21
N GLY A 61 16.32 18.79 -13.28
CA GLY A 61 16.40 19.08 -11.86
C GLY A 61 17.11 17.99 -11.11
N SER A 62 18.19 18.32 -10.41
CA SER A 62 19.00 17.36 -9.68
C SER A 62 19.00 17.67 -8.17
N ALA A 63 19.17 16.62 -7.38
CA ALA A 63 19.21 16.72 -5.93
C ALA A 63 20.64 16.52 -5.42
N TYR A 64 20.97 17.16 -4.29
CA TYR A 64 22.29 17.05 -3.71
C TYR A 64 22.22 17.01 -2.19
N GLY A 65 23.32 16.57 -1.58
CA GLY A 65 23.48 16.65 -0.14
C GLY A 65 22.39 15.94 0.63
N GLY A 66 21.87 16.62 1.64
CA GLY A 66 20.86 16.04 2.50
C GLY A 66 19.56 15.75 1.78
N VAL A 67 19.24 16.53 0.74
CA VAL A 67 18.05 16.22 -0.05
C VAL A 67 18.25 14.91 -0.80
N LEU A 68 19.44 14.71 -1.38
CA LEU A 68 19.71 13.49 -2.14
C LEU A 68 19.60 12.26 -1.25
N SER A 69 20.06 12.35 0.00
CA SER A 69 20.14 11.17 0.84
C SER A 69 18.95 10.98 1.77
N ASN A 70 18.26 12.05 2.17
CA ASN A 70 17.28 11.95 3.24
C ASN A 70 15.83 12.24 2.83
N PHE A 71 15.56 12.55 1.56
CA PHE A 71 14.23 12.93 1.13
C PHE A 71 13.86 12.22 -0.17
N SER A 72 12.54 12.11 -0.42
CA SER A 72 12.01 11.82 -1.75
C SER A 72 10.92 12.85 -2.05
N GLY A 73 10.56 13.02 -3.31
CA GLY A 73 9.44 13.90 -3.61
C GLY A 73 9.28 14.27 -5.06
N THR A 74 8.73 15.46 -5.28
CA THR A 74 8.22 15.89 -6.56
C THR A 74 8.60 17.35 -6.82
N VAL A 75 8.48 17.76 -8.09
CA VAL A 75 8.61 19.16 -8.49
C VAL A 75 7.32 19.55 -9.22
N LYS A 76 6.77 20.71 -8.89
CA LYS A 76 5.60 21.23 -9.55
C LYS A 76 6.01 22.36 -10.47
N TYR A 77 5.61 22.27 -11.74
CA TYR A 77 5.95 23.26 -12.75
C TYR A 77 4.64 23.71 -13.42
N SER A 78 4.32 24.98 -13.26
CA SER A 78 3.13 25.57 -13.85
C SER A 78 1.90 24.66 -13.69
N GLY A 79 1.70 24.21 -12.46
CA GLY A 79 0.47 23.49 -12.10
C GLY A 79 0.49 21.99 -12.26
N SER A 80 1.55 21.41 -12.83
CA SER A 80 1.65 19.97 -12.98
C SER A 80 2.86 19.46 -12.21
N SER A 81 2.73 18.23 -11.67
CA SER A 81 3.75 17.65 -10.80
C SER A 81 4.45 16.46 -11.48
N TYR A 82 5.74 16.32 -11.19
CA TYR A 82 6.60 15.29 -11.75
C TYR A 82 7.55 14.78 -10.67
N PRO A 83 8.04 13.55 -10.80
CA PRO A 83 9.04 13.07 -9.84
C PRO A 83 10.29 13.94 -9.86
N PHE A 84 10.86 14.16 -8.66
CA PHE A 84 12.12 14.89 -8.50
C PHE A 84 13.10 14.03 -7.73
N PRO A 85 14.36 13.89 -8.20
CA PRO A 85 14.99 14.46 -9.39
C PRO A 85 14.33 14.05 -10.72
N THR A 86 14.40 14.94 -11.70
CA THR A 86 13.63 14.81 -12.92
C THR A 86 14.22 13.75 -13.85
N THR A 87 13.36 13.19 -14.70
CA THR A 87 13.77 12.26 -15.73
C THR A 87 13.49 12.74 -17.15
N SER A 88 12.86 13.89 -17.32
CA SER A 88 12.58 14.41 -18.65
C SER A 88 12.27 15.90 -18.58
N GLU A 89 12.38 16.58 -19.72
CA GLU A 89 12.06 17.99 -19.84
C GLU A 89 10.55 18.21 -19.74
N THR A 90 10.16 19.32 -19.09
CA THR A 90 8.74 19.62 -18.89
C THR A 90 8.17 20.30 -20.12
N PRO A 91 6.86 20.48 -20.18
CA PRO A 91 6.28 21.43 -21.15
C PRO A 91 6.71 22.87 -20.87
N ARG A 92 6.52 23.72 -21.90
CA ARG A 92 7.04 25.07 -21.93
C ARG A 92 6.08 26.04 -21.23
N VAL A 93 6.64 27.17 -20.79
CA VAL A 93 5.86 28.30 -20.30
C VAL A 93 6.14 29.50 -21.21
N VAL A 94 5.11 30.28 -21.52
CA VAL A 94 5.23 31.40 -22.44
C VAL A 94 5.58 32.66 -21.65
N TYR A 95 6.57 33.41 -22.11
CA TYR A 95 6.89 34.73 -21.62
C TYR A 95 6.73 35.73 -22.76
N ASN A 96 5.86 36.73 -22.59
CA ASN A 96 5.47 37.62 -23.68
C ASN A 96 5.32 39.07 -23.18
N SER A 97 6.06 39.44 -22.14
CA SER A 97 5.97 40.79 -21.59
C SER A 97 7.31 41.20 -21.01
N ARG A 98 7.59 42.51 -21.02
CA ARG A 98 8.78 43.02 -20.36
C ARG A 98 8.63 43.06 -18.84
N THR A 99 7.41 42.91 -18.33
CA THR A 99 7.19 42.88 -16.89
C THR A 99 7.68 41.57 -16.30
N ASP A 100 8.45 41.65 -15.21
CA ASP A 100 8.99 40.45 -14.60
C ASP A 100 7.88 39.51 -14.16
N LYS A 101 8.08 38.21 -14.37
CA LYS A 101 7.10 37.20 -14.04
C LYS A 101 7.79 36.04 -13.31
N PRO A 102 7.17 35.47 -12.29
CA PRO A 102 7.81 34.35 -11.59
C PRO A 102 8.09 33.17 -12.53
N TRP A 103 9.18 32.44 -12.24
CA TRP A 103 9.43 31.13 -12.83
C TRP A 103 8.69 30.12 -11.96
N PRO A 104 7.62 29.47 -12.46
CA PRO A 104 6.68 28.79 -11.53
C PRO A 104 7.12 27.37 -11.17
N VAL A 105 8.15 27.29 -10.33
CA VAL A 105 8.74 26.03 -9.91
C VAL A 105 8.68 25.94 -8.38
N ALA A 106 8.33 24.76 -7.86
CA ALA A 106 8.36 24.51 -6.43
C ALA A 106 8.69 23.04 -6.18
N LEU A 107 9.50 22.79 -5.16
CA LEU A 107 9.83 21.43 -4.75
C LEU A 107 9.02 21.01 -3.53
N TYR A 108 8.59 19.75 -3.51
CA TYR A 108 7.84 19.18 -2.40
C TYR A 108 8.58 17.92 -1.96
N LEU A 109 9.25 17.99 -0.82
CA LEU A 109 10.17 16.96 -0.37
C LEU A 109 9.72 16.41 0.96
N THR A 110 9.71 15.08 1.09
CA THR A 110 9.27 14.48 2.33
C THR A 110 10.34 13.60 2.91
N PRO A 111 10.60 13.70 4.20
CA PRO A 111 11.70 12.96 4.82
C PRO A 111 11.43 11.46 4.88
N VAL A 112 12.47 10.66 4.66
CA VAL A 112 12.35 9.20 4.84
C VAL A 112 12.35 8.89 6.33
N SER A 113 11.76 7.74 6.70
CA SER A 113 11.66 7.35 8.10
C SER A 113 13.04 7.28 8.74
N SER A 114 14.03 6.77 8.01
CA SER A 114 15.33 6.47 8.59
C SER A 114 16.13 7.71 8.93
N ALA A 115 15.76 8.86 8.39
CA ALA A 115 16.43 10.10 8.72
C ALA A 115 16.13 10.52 10.16
N GLY A 116 17.11 11.16 10.77
CA GLY A 116 17.00 11.62 12.14
C GLY A 116 17.93 12.78 12.37
N GLY A 117 17.50 13.71 13.22
CA GLY A 117 18.32 14.89 13.48
C GLY A 117 18.31 15.85 12.31
N VAL A 118 19.48 16.37 11.99
CA VAL A 118 19.64 17.36 10.93
C VAL A 118 19.68 16.64 9.59
N ALA A 119 18.67 16.87 8.77
CA ALA A 119 18.59 16.25 7.46
C ALA A 119 19.13 17.13 6.35
N ILE A 120 19.20 18.44 6.56
CA ILE A 120 19.78 19.40 5.63
C ILE A 120 20.62 20.37 6.44
N LYS A 121 21.88 20.56 6.03
CA LYS A 121 22.84 21.37 6.77
C LYS A 121 22.83 22.79 6.24
N ALA A 122 22.87 23.75 7.16
CA ALA A 122 22.96 25.15 6.80
C ALA A 122 24.08 25.39 5.79
N GLY A 123 23.75 26.12 4.73
CA GLY A 123 24.73 26.52 3.73
C GLY A 123 25.05 25.47 2.69
N SER A 124 24.44 24.28 2.75
CA SER A 124 24.75 23.22 1.80
C SER A 124 23.92 23.35 0.53
N LEU A 125 24.49 22.87 -0.56
CA LEU A 125 23.76 22.79 -1.83
C LEU A 125 22.70 21.69 -1.73
N ILE A 126 21.45 22.00 -2.11
CA ILE A 126 20.37 21.04 -2.04
C ILE A 126 19.84 20.66 -3.44
N ALA A 127 19.98 21.53 -4.43
CA ALA A 127 19.42 21.22 -5.75
C ALA A 127 20.05 22.11 -6.80
N VAL A 128 20.00 21.63 -8.06
CA VAL A 128 20.34 22.44 -9.23
C VAL A 128 19.18 22.30 -10.21
N LEU A 129 18.61 23.43 -10.60
CA LEU A 129 17.49 23.49 -11.54
C LEU A 129 17.90 24.25 -12.80
N ILE A 130 17.69 23.66 -13.97
CA ILE A 130 18.14 24.24 -15.23
C ILE A 130 16.94 24.76 -16.01
N LEU A 131 16.90 26.07 -16.24
CA LEU A 131 15.91 26.72 -17.09
C LEU A 131 16.44 26.81 -18.51
N ARG A 132 15.65 26.34 -19.47
CA ARG A 132 16.02 26.37 -20.89
C ARG A 132 15.08 27.30 -21.65
N GLN A 133 15.65 28.24 -22.40
CA GLN A 133 14.87 29.26 -23.09
C GLN A 133 15.11 29.18 -24.59
N THR A 134 14.02 29.12 -25.36
CA THR A 134 14.05 29.18 -26.82
C THR A 134 13.03 30.24 -27.24
N ASN A 135 12.78 30.39 -28.53
CA ASN A 135 11.81 31.37 -29.00
C ASN A 135 11.26 30.95 -30.35
N ASN A 136 10.36 31.77 -30.90
CA ASN A 136 9.75 31.53 -32.20
C ASN A 136 10.39 32.36 -33.30
N TYR A 137 11.60 32.85 -33.07
CA TYR A 137 12.20 33.88 -33.88
C TYR A 137 13.51 33.47 -34.53
N ASN A 138 14.41 32.85 -33.78
CA ASN A 138 15.70 32.42 -34.31
C ASN A 138 16.04 31.08 -33.66
N SER A 139 17.30 30.66 -33.74
CA SER A 139 17.73 29.36 -33.21
C SER A 139 18.32 29.43 -31.80
N ASP A 140 18.12 30.53 -31.08
CA ASP A 140 18.61 30.65 -29.71
C ASP A 140 18.12 29.49 -28.83
N ASP A 141 19.03 28.92 -28.05
CA ASP A 141 18.74 27.80 -27.14
C ASP A 141 19.69 27.96 -25.95
N PHE A 142 19.23 28.67 -24.92
CA PHE A 142 20.08 29.12 -23.82
C PHE A 142 19.67 28.46 -22.52
N GLN A 143 20.65 28.13 -21.67
CA GLN A 143 20.38 27.51 -20.38
C GLN A 143 20.78 28.42 -19.24
N PHE A 144 19.90 28.51 -18.23
CA PHE A 144 20.07 29.31 -17.03
C PHE A 144 20.11 28.33 -15.86
N VAL A 145 21.26 28.21 -15.21
CA VAL A 145 21.51 27.17 -14.19
C VAL A 145 21.40 27.81 -12.81
N TRP A 146 20.44 27.34 -12.01
CA TRP A 146 20.19 27.88 -10.68
C TRP A 146 20.66 26.89 -9.63
N ASN A 147 21.69 27.27 -8.86
CA ASN A 147 22.22 26.45 -7.78
C ASN A 147 21.55 26.87 -6.46
N ILE A 148 20.82 25.93 -5.84
CA ILE A 148 19.93 26.22 -4.73
C ILE A 148 20.63 25.79 -3.44
N TYR A 149 20.79 26.74 -2.51
CA TYR A 149 21.46 26.49 -1.24
C TYR A 149 20.52 26.70 -0.05
N ALA A 150 20.73 25.91 1.00
CA ALA A 150 19.97 26.05 2.23
C ALA A 150 20.55 27.17 3.09
N ASN A 151 19.69 28.05 3.58
CA ASN A 151 20.14 29.09 4.50
C ASN A 151 20.29 28.57 5.93
N ASN A 152 19.51 27.56 6.32
CA ASN A 152 19.45 27.13 7.71
C ASN A 152 19.35 25.61 7.77
N ASP A 153 19.59 25.08 8.97
CA ASP A 153 19.41 23.65 9.20
C ASP A 153 17.94 23.28 9.11
N VAL A 154 17.68 22.05 8.64
CA VAL A 154 16.36 21.45 8.69
C VAL A 154 16.44 20.18 9.56
N VAL A 155 15.54 20.08 10.53
CA VAL A 155 15.54 19.02 11.51
C VAL A 155 14.34 18.11 11.31
N VAL A 156 14.58 16.80 11.44
CA VAL A 156 13.53 15.80 11.40
C VAL A 156 13.46 15.09 12.75
N PRO A 157 12.37 15.24 13.50
CA PRO A 157 12.29 14.52 14.77
C PRO A 157 12.15 13.03 14.53
N THR A 158 12.91 12.24 15.30
CA THR A 158 12.77 10.78 15.27
C THR A 158 11.81 10.34 16.37
N PHE B 1 25.72 -20.02 -1.89
CA PHE B 1 24.61 -19.03 -1.80
C PHE B 1 23.79 -19.04 -3.09
N ALA B 2 22.48 -19.14 -2.96
CA ALA B 2 21.58 -19.17 -4.12
C ALA B 2 20.19 -18.68 -3.68
N CYS B 3 19.38 -18.29 -4.66
CA CYS B 3 18.08 -17.69 -4.39
C CYS B 3 17.02 -18.26 -5.34
N LYS B 4 15.75 -18.04 -4.98
CA LYS B 4 14.63 -18.43 -5.83
C LYS B 4 13.42 -17.55 -5.50
N THR B 5 12.49 -17.51 -6.45
CA THR B 5 11.24 -16.79 -6.26
C THR B 5 10.17 -17.71 -5.66
N ALA B 6 9.05 -17.12 -5.27
CA ALA B 6 7.96 -17.89 -4.69
C ALA B 6 7.41 -18.94 -5.66
N ASN B 7 7.48 -18.67 -6.96
CA ASN B 7 6.99 -19.65 -7.94
C ASN B 7 8.01 -20.74 -8.26
N GLY B 8 9.23 -20.65 -7.73
CA GLY B 8 10.24 -21.67 -7.93
C GLY B 8 11.37 -21.32 -8.87
N THR B 9 11.30 -20.18 -9.57
CA THR B 9 12.37 -19.78 -10.46
C THR B 9 13.63 -19.48 -9.64
N ALA B 10 14.76 -20.06 -10.06
CA ALA B 10 15.99 -19.95 -9.29
C ALA B 10 17.04 -19.10 -9.99
N ILE B 11 17.87 -18.44 -9.19
CA ILE B 11 19.16 -17.91 -9.62
C ILE B 11 20.22 -18.65 -8.82
N PRO B 12 21.09 -19.43 -9.46
CA PRO B 12 21.99 -20.32 -8.71
C PRO B 12 23.29 -19.67 -8.27
N ILE B 13 24.15 -20.46 -7.64
CA ILE B 13 25.50 -20.06 -7.25
C ILE B 13 26.12 -19.27 -8.39
N GLY B 14 26.72 -18.13 -8.06
CA GLY B 14 27.40 -17.30 -9.04
C GLY B 14 26.56 -16.16 -9.59
N GLY B 15 25.27 -16.12 -9.28
CA GLY B 15 24.43 -15.01 -9.71
C GLY B 15 23.78 -15.25 -11.05
N GLY B 16 23.17 -14.18 -11.55
CA GLY B 16 22.35 -14.27 -12.75
C GLY B 16 21.18 -13.32 -12.70
N SER B 17 20.08 -13.68 -13.37
CA SER B 17 18.91 -12.81 -13.46
C SER B 17 17.64 -13.65 -13.49
N ALA B 18 16.54 -13.01 -13.10
CA ALA B 18 15.22 -13.65 -13.14
C ALA B 18 14.14 -12.57 -13.20
N ASN B 19 12.96 -12.98 -13.67
CA ASN B 19 11.78 -12.13 -13.70
C ASN B 19 10.88 -12.46 -12.50
N VAL B 20 10.30 -11.43 -11.90
CA VAL B 20 9.37 -11.58 -10.78
C VAL B 20 8.09 -10.84 -11.13
N TYR B 21 6.97 -11.57 -11.16
CA TYR B 21 5.66 -11.01 -11.47
C TYR B 21 4.82 -10.90 -10.20
N VAL B 22 4.35 -9.68 -9.91
CA VAL B 22 3.72 -9.37 -8.63
C VAL B 22 2.34 -8.75 -8.84
N ASN B 23 1.40 -9.12 -7.97
CA ASN B 23 0.09 -8.49 -7.94
C ASN B 23 0.15 -7.18 -7.17
N LEU B 24 -0.52 -6.16 -7.71
CA LEU B 24 -0.50 -4.82 -7.14
C LEU B 24 -1.91 -4.37 -6.80
N ALA B 25 -2.03 -3.59 -5.73
CA ALA B 25 -3.29 -2.95 -5.39
C ALA B 25 -3.88 -2.28 -6.63
N PRO B 26 -5.12 -2.60 -7.01
CA PRO B 26 -5.65 -2.05 -8.28
C PRO B 26 -6.02 -0.58 -8.23
N VAL B 27 -6.24 0.00 -7.05
CA VAL B 27 -6.55 1.41 -6.94
C VAL B 27 -5.68 2.03 -5.85
N VAL B 28 -5.03 3.15 -6.16
CA VAL B 28 -4.20 3.88 -5.20
C VAL B 28 -4.48 5.36 -5.41
N ASN B 29 -4.86 6.05 -4.35
CA ASN B 29 -5.15 7.47 -4.42
C ASN B 29 -3.92 8.32 -4.15
N VAL B 30 -3.97 9.57 -4.62
CA VAL B 30 -2.93 10.53 -4.26
C VAL B 30 -2.90 10.65 -2.75
N GLY B 31 -1.69 10.63 -2.17
CA GLY B 31 -1.54 10.65 -0.74
C GLY B 31 -1.47 9.27 -0.09
N GLN B 32 -1.70 8.21 -0.87
CA GLN B 32 -1.68 6.83 -0.40
C GLN B 32 -0.45 6.11 -0.92
N ASN B 33 0.06 5.16 -0.14
CA ASN B 33 1.20 4.34 -0.53
C ASN B 33 0.78 3.10 -1.29
N LEU B 34 1.44 2.84 -2.42
CA LEU B 34 1.43 1.53 -3.06
C LEU B 34 2.62 0.73 -2.53
N VAL B 35 2.34 -0.41 -1.91
CA VAL B 35 3.37 -1.23 -1.28
C VAL B 35 3.70 -2.40 -2.18
N VAL B 36 4.99 -2.55 -2.50
CA VAL B 36 5.48 -3.70 -3.27
C VAL B 36 6.43 -4.47 -2.36
N ASP B 37 5.90 -5.50 -1.68
CA ASP B 37 6.68 -6.26 -0.71
C ASP B 37 7.31 -7.46 -1.39
N LEU B 38 8.64 -7.42 -1.59
CA LEU B 38 9.32 -8.55 -2.21
C LEU B 38 9.83 -9.56 -1.20
N SER B 39 9.65 -9.30 0.11
CA SER B 39 10.06 -10.26 1.13
C SER B 39 9.22 -11.53 1.06
N THR B 40 8.02 -11.44 0.51
CA THR B 40 7.20 -12.62 0.27
C THR B 40 7.51 -13.27 -1.08
N GLN B 41 8.44 -12.72 -1.85
CA GLN B 41 8.64 -13.15 -3.23
C GLN B 41 10.04 -13.66 -3.54
N ILE B 42 11.06 -13.26 -2.77
CA ILE B 42 12.46 -13.58 -3.05
C ILE B 42 13.08 -14.17 -1.79
N PHE B 43 13.70 -15.35 -1.92
CA PHE B 43 14.29 -16.08 -0.80
C PHE B 43 15.69 -16.57 -1.16
N CYS B 44 16.59 -16.56 -0.17
CA CYS B 44 17.97 -17.01 -0.37
C CYS B 44 18.46 -17.84 0.82
N HIS B 45 19.59 -18.52 0.63
CA HIS B 45 20.19 -19.31 1.71
C HIS B 45 21.69 -19.41 1.49
N ASN B 46 22.39 -19.78 2.57
CA ASN B 46 23.84 -20.00 2.60
C ASN B 46 24.12 -21.48 2.41
N ASP B 47 25.04 -21.82 1.51
CA ASP B 47 25.27 -23.19 1.13
C ASP B 47 26.33 -23.91 1.95
N TYR B 48 27.12 -23.19 2.77
CA TYR B 48 28.08 -23.86 3.66
C TYR B 48 28.24 -23.06 4.93
N PRO B 49 27.21 -23.01 5.78
CA PRO B 49 27.28 -22.17 6.98
C PRO B 49 28.22 -22.72 8.05
N GLU B 50 28.69 -23.97 7.91
CA GLU B 50 29.64 -24.49 8.88
C GLU B 50 30.90 -23.66 8.95
N THR B 51 31.31 -23.07 7.84
CA THR B 51 32.56 -22.34 7.74
C THR B 51 32.43 -20.92 7.19
N ILE B 52 31.45 -20.68 6.33
CA ILE B 52 31.36 -19.43 5.58
C ILE B 52 30.16 -18.62 6.08
N THR B 53 30.35 -17.29 6.14
CA THR B 53 29.28 -16.34 6.36
C THR B 53 29.10 -15.49 5.11
N ASP B 54 27.84 -15.35 4.66
CA ASP B 54 27.50 -14.60 3.47
C ASP B 54 26.99 -13.21 3.85
N TYR B 55 27.36 -12.21 3.05
CA TYR B 55 26.98 -10.81 3.24
C TYR B 55 26.20 -10.35 2.01
N VAL B 56 25.03 -9.73 2.21
CA VAL B 56 24.10 -9.44 1.13
C VAL B 56 23.61 -8.00 1.25
N THR B 57 23.74 -7.23 0.16
CA THR B 57 23.25 -5.86 0.12
C THR B 57 22.25 -5.64 -1.02
N LEU B 58 21.52 -4.53 -0.94
CA LEU B 58 20.81 -3.98 -2.09
C LEU B 58 21.80 -3.03 -2.76
N GLN B 59 22.46 -3.51 -3.83
CA GLN B 59 23.48 -2.70 -4.49
C GLN B 59 22.86 -1.50 -5.22
N ARG B 60 21.74 -1.73 -5.92
CA ARG B 60 21.15 -0.67 -6.73
C ARG B 60 19.67 -1.00 -6.98
N GLY B 61 18.87 0.05 -7.06
CA GLY B 61 17.47 -0.11 -7.39
C GLY B 61 17.01 0.97 -8.36
N SER B 62 16.47 0.56 -9.51
CA SER B 62 16.03 1.48 -10.56
C SER B 62 14.54 1.34 -10.83
N ALA B 63 13.94 2.43 -11.28
CA ALA B 63 12.51 2.49 -11.61
C ALA B 63 12.31 2.56 -13.12
N TYR B 64 11.19 1.99 -13.57
CA TYR B 64 10.88 1.99 -15.00
C TYR B 64 9.38 2.18 -15.22
N GLY B 65 9.04 2.51 -16.47
CA GLY B 65 7.66 2.57 -16.89
C GLY B 65 6.82 3.55 -16.10
N GLY B 66 5.63 3.10 -15.70
CA GLY B 66 4.71 3.95 -14.98
C GLY B 66 5.21 4.37 -13.61
N VAL B 67 6.03 3.53 -12.98
CA VAL B 67 6.60 3.91 -11.70
C VAL B 67 7.59 5.06 -11.89
N LEU B 68 8.40 4.99 -12.94
CA LEU B 68 9.38 6.05 -13.19
C LEU B 68 8.69 7.40 -13.42
N SER B 69 7.55 7.40 -14.12
CA SER B 69 6.97 8.67 -14.53
C SER B 69 5.89 9.19 -13.59
N ASN B 70 5.21 8.31 -12.86
CA ASN B 70 4.02 8.71 -12.14
C ASN B 70 4.13 8.61 -10.63
N PHE B 71 5.26 8.16 -10.09
CA PHE B 71 5.38 7.93 -8.65
C PHE B 71 6.69 8.49 -8.11
N SER B 72 6.70 8.76 -6.79
CA SER B 72 7.94 8.94 -6.02
C SER B 72 7.86 8.07 -4.77
N GLY B 73 9.02 7.84 -4.14
CA GLY B 73 8.94 7.07 -2.89
C GLY B 73 10.28 6.54 -2.40
N THR B 74 10.19 5.42 -1.69
CA THR B 74 11.29 4.91 -0.89
C THR B 74 11.39 3.39 -1.02
N VAL B 75 12.53 2.85 -0.58
CA VAL B 75 12.72 1.41 -0.45
C VAL B 75 13.15 1.15 0.99
N LYS B 76 12.57 0.14 1.61
CA LYS B 76 12.94 -0.28 2.95
C LYS B 76 13.74 -1.57 2.86
N TYR B 77 14.94 -1.56 3.44
CA TYR B 77 15.83 -2.73 3.44
C TYR B 77 16.18 -3.05 4.88
N SER B 78 15.77 -4.24 5.34
CA SER B 78 16.05 -4.71 6.68
C SER B 78 15.80 -3.62 7.72
N GLY B 79 14.62 -3.00 7.63
CA GLY B 79 14.16 -2.09 8.66
C GLY B 79 14.54 -0.63 8.50
N SER B 80 15.37 -0.29 7.52
CA SER B 80 15.76 1.09 7.28
C SER B 80 15.27 1.55 5.90
N SER B 81 14.98 2.85 5.80
CA SER B 81 14.39 3.41 4.57
C SER B 81 15.38 4.32 3.86
N TYR B 82 15.28 4.33 2.53
CA TYR B 82 16.15 5.08 1.63
C TYR B 82 15.33 5.61 0.47
N PRO B 83 15.76 6.72 -0.14
CA PRO B 83 15.09 7.18 -1.37
C PRO B 83 15.17 6.14 -2.48
N PHE B 84 14.08 6.00 -3.23
CA PHE B 84 14.03 5.11 -4.39
C PHE B 84 13.59 5.90 -5.61
N PRO B 85 14.28 5.79 -6.76
CA PRO B 85 15.48 4.97 -7.03
C PRO B 85 16.71 5.31 -6.16
N THR B 86 17.55 4.29 -5.92
CA THR B 86 18.63 4.39 -4.94
C THR B 86 19.77 5.24 -5.47
N THR B 87 20.55 5.79 -4.54
CA THR B 87 21.76 6.54 -4.88
C THR B 87 23.03 5.93 -4.30
N SER B 88 22.93 4.86 -3.51
CA SER B 88 24.10 4.21 -2.95
C SER B 88 23.73 2.81 -2.45
N GLU B 89 24.75 1.99 -2.26
CA GLU B 89 24.58 0.64 -1.73
C GLU B 89 24.20 0.67 -0.25
N THR B 90 23.37 -0.30 0.15
CA THR B 90 22.89 -0.37 1.52
C THR B 90 23.90 -1.10 2.41
N PRO B 91 23.70 -1.08 3.73
CA PRO B 91 24.43 -2.00 4.60
C PRO B 91 24.04 -3.44 4.33
N ARG B 92 24.87 -4.36 4.84
CA ARG B 92 24.72 -5.77 4.54
C ARG B 92 23.78 -6.46 5.51
N VAL B 93 23.21 -7.57 5.04
CA VAL B 93 22.43 -8.51 5.85
C VAL B 93 23.19 -9.82 5.85
N VAL B 94 23.23 -10.48 7.02
CA VAL B 94 23.98 -11.71 7.18
C VAL B 94 23.10 -12.90 6.86
N TYR B 95 23.61 -13.83 6.05
CA TYR B 95 22.97 -15.12 5.80
C TYR B 95 23.88 -16.22 6.34
N ASN B 96 23.35 -17.04 7.27
CA ASN B 96 24.19 -17.98 7.99
C ASN B 96 23.48 -19.31 8.24
N SER B 97 22.58 -19.70 7.34
CA SER B 97 21.84 -20.95 7.48
C SER B 97 21.46 -21.49 6.11
N ARG B 98 21.34 -22.82 6.01
CA ARG B 98 20.82 -23.41 4.79
C ARG B 98 19.31 -23.24 4.65
N THR B 99 18.61 -22.86 5.71
CA THR B 99 17.17 -22.64 5.62
C THR B 99 16.87 -21.37 4.83
N ASP B 100 15.94 -21.44 3.89
CA ASP B 100 15.60 -20.28 3.08
C ASP B 100 15.10 -19.14 3.96
N LYS B 101 15.53 -17.92 3.63
CA LYS B 101 15.19 -16.72 4.38
C LYS B 101 14.80 -15.61 3.40
N PRO B 102 13.78 -14.82 3.71
CA PRO B 102 13.39 -13.73 2.80
C PRO B 102 14.52 -12.73 2.57
N TRP B 103 14.52 -12.15 1.37
CA TRP B 103 15.34 -10.97 1.08
C TRP B 103 14.49 -9.77 1.50
N PRO B 104 14.85 -9.06 2.56
CA PRO B 104 13.87 -8.12 3.18
C PRO B 104 13.83 -6.76 2.51
N VAL B 105 13.23 -6.71 1.32
CA VAL B 105 13.13 -5.49 0.53
C VAL B 105 11.65 -5.21 0.26
N ALA B 106 11.26 -3.94 0.37
CA ALA B 106 9.91 -3.52 -0.01
C ALA B 106 9.96 -2.09 -0.52
N LEU B 107 9.14 -1.80 -1.54
CA LEU B 107 9.02 -0.46 -2.09
C LEU B 107 7.74 0.20 -1.59
N TYR B 108 7.81 1.51 -1.30
CA TYR B 108 6.67 2.31 -0.89
C TYR B 108 6.56 3.49 -1.84
N LEU B 109 5.55 3.47 -2.71
CA LEU B 109 5.45 4.41 -3.84
C LEU B 109 4.13 5.16 -3.76
N THR B 110 4.19 6.49 -3.93
CA THR B 110 2.97 7.30 -3.85
C THR B 110 2.79 8.11 -5.14
N PRO B 111 1.56 8.20 -5.65
CA PRO B 111 1.35 8.84 -6.96
C PRO B 111 1.53 10.35 -6.90
N VAL B 112 2.06 10.91 -8.01
CA VAL B 112 2.13 12.37 -8.11
C VAL B 112 0.74 12.94 -8.35
N SER B 113 0.55 14.21 -7.98
CA SER B 113 -0.76 14.85 -8.05
C SER B 113 -1.34 14.74 -9.45
N SER B 114 -0.49 14.97 -10.47
CA SER B 114 -0.96 15.04 -11.85
C SER B 114 -1.31 13.68 -12.44
N ALA B 115 -0.97 12.59 -11.78
CA ALA B 115 -1.28 11.27 -12.32
C ALA B 115 -2.78 11.04 -12.37
N GLY B 116 -3.22 10.35 -13.41
CA GLY B 116 -4.63 10.08 -13.60
C GLY B 116 -4.89 8.86 -14.46
N GLY B 117 -5.95 8.12 -14.13
CA GLY B 117 -6.27 6.90 -14.85
C GLY B 117 -5.30 5.78 -14.52
N VAL B 118 -4.93 5.00 -15.54
CA VAL B 118 -4.04 3.87 -15.34
C VAL B 118 -2.61 4.40 -15.30
N ALA B 119 -1.97 4.31 -14.14
CA ALA B 119 -0.62 4.80 -13.93
C ALA B 119 0.43 3.72 -14.08
N ILE B 120 0.04 2.44 -14.00
CA ILE B 120 0.92 1.31 -14.22
C ILE B 120 0.19 0.30 -15.10
N LYS B 121 0.82 -0.10 -16.20
CA LYS B 121 0.18 -0.99 -17.17
C LYS B 121 0.48 -2.44 -16.85
N ALA B 122 -0.53 -3.30 -16.97
CA ALA B 122 -0.36 -4.74 -16.83
C ALA B 122 0.81 -5.23 -17.67
N GLY B 123 1.68 -6.02 -17.05
CA GLY B 123 2.79 -6.65 -17.74
C GLY B 123 4.01 -5.79 -17.95
N SER B 124 4.01 -4.54 -17.49
CA SER B 124 5.15 -3.65 -17.69
C SER B 124 6.19 -3.83 -16.60
N LEU B 125 7.45 -3.56 -16.96
CA LEU B 125 8.54 -3.54 -15.99
C LEU B 125 8.40 -2.30 -15.11
N ILE B 126 8.43 -2.49 -13.79
CA ILE B 126 8.30 -1.38 -12.86
C ILE B 126 9.59 -1.10 -12.09
N ALA B 127 10.46 -2.10 -11.93
CA ALA B 127 11.68 -1.88 -11.19
C ALA B 127 12.68 -2.98 -11.49
N VAL B 128 13.97 -2.66 -11.27
CA VAL B 128 15.03 -3.66 -11.29
C VAL B 128 15.83 -3.49 -10.00
N LEU B 129 15.96 -4.58 -9.25
CA LEU B 129 16.65 -4.59 -7.96
C LEU B 129 17.81 -5.57 -8.02
N ILE B 130 19.01 -5.09 -7.67
CA ILE B 130 20.23 -5.89 -7.77
C ILE B 130 20.69 -6.31 -6.37
N LEU B 131 20.72 -7.62 -6.12
CA LEU B 131 21.26 -8.19 -4.90
C LEU B 131 22.74 -8.54 -5.08
N ARG B 132 23.58 -8.06 -4.17
CA ARG B 132 25.02 -8.32 -4.22
C ARG B 132 25.47 -9.16 -3.03
N GLN B 133 26.16 -10.25 -3.32
CA GLN B 133 26.56 -11.22 -2.32
C GLN B 133 28.08 -11.37 -2.28
N THR B 134 28.64 -11.23 -1.10
CA THR B 134 30.06 -11.48 -0.83
C THR B 134 30.13 -12.42 0.37
N ASN B 135 31.32 -12.68 0.90
CA ASN B 135 31.46 -13.55 2.07
C ASN B 135 32.74 -13.20 2.83
N ASN B 136 33.00 -13.96 3.90
CA ASN B 136 34.18 -13.76 4.72
C ASN B 136 35.27 -14.79 4.42
N TYR B 137 35.21 -15.41 3.25
CA TYR B 137 35.96 -16.62 2.97
C TYR B 137 36.85 -16.51 1.75
N ASN B 138 36.35 -15.97 0.65
CA ASN B 138 37.14 -15.84 -0.58
C ASN B 138 36.76 -14.52 -1.25
N SER B 139 37.10 -14.38 -2.54
CA SER B 139 36.91 -13.12 -3.25
C SER B 139 35.60 -13.04 -4.02
N ASP B 140 34.67 -13.97 -3.76
CA ASP B 140 33.41 -13.98 -4.48
C ASP B 140 32.68 -12.64 -4.34
N ASP B 141 32.15 -12.16 -5.46
CA ASP B 141 31.38 -10.90 -5.52
C ASP B 141 30.37 -11.07 -6.65
N PHE B 142 29.17 -11.54 -6.32
CA PHE B 142 28.19 -11.99 -7.30
C PHE B 142 26.94 -11.11 -7.25
N GLN B 143 26.34 -10.86 -8.42
CA GLN B 143 25.13 -10.07 -8.50
C GLN B 143 23.96 -10.91 -8.99
N PHE B 144 22.80 -10.76 -8.32
CA PHE B 144 21.55 -11.41 -8.63
C PHE B 144 20.58 -10.29 -9.03
N VAL B 145 20.16 -10.27 -10.30
CA VAL B 145 19.38 -9.17 -10.87
C VAL B 145 17.91 -9.58 -10.94
N TRP B 146 17.07 -8.84 -10.22
CA TRP B 146 15.63 -9.16 -10.16
C TRP B 146 14.84 -8.14 -10.97
N ASN B 147 14.22 -8.59 -12.06
CA ASN B 147 13.39 -7.74 -12.89
C ASN B 147 11.94 -7.86 -12.43
N ILE B 148 11.35 -6.75 -11.97
CA ILE B 148 10.05 -6.77 -11.30
C ILE B 148 8.98 -6.28 -12.29
N TYR B 149 7.97 -7.11 -12.53
CA TYR B 149 6.91 -6.80 -13.48
C TYR B 149 5.56 -6.70 -12.79
N ALA B 150 4.71 -5.80 -13.29
CA ALA B 150 3.35 -5.68 -12.80
C ALA B 150 2.45 -6.73 -13.43
N ASN B 151 1.66 -7.42 -12.60
CA ASN B 151 0.72 -8.39 -13.11
C ASN B 151 -0.55 -7.73 -13.64
N ASN B 152 -0.93 -6.59 -13.08
CA ASN B 152 -2.23 -5.98 -13.37
C ASN B 152 -2.09 -4.47 -13.48
N ASP B 153 -3.14 -3.84 -14.02
CA ASP B 153 -3.21 -2.39 -14.09
C ASP B 153 -3.34 -1.81 -12.68
N VAL B 154 -2.76 -0.63 -12.48
CA VAL B 154 -2.97 0.15 -11.27
C VAL B 154 -3.59 1.49 -11.67
N VAL B 155 -4.68 1.85 -11.00
CA VAL B 155 -5.46 3.04 -11.34
C VAL B 155 -5.31 4.07 -10.23
N VAL B 156 -5.15 5.33 -10.62
CA VAL B 156 -5.15 6.46 -9.70
C VAL B 156 -6.38 7.31 -10.03
N PRO B 157 -7.35 7.42 -9.13
CA PRO B 157 -8.51 8.27 -9.42
C PRO B 157 -8.14 9.74 -9.42
N THR B 158 -8.66 10.46 -10.41
CA THR B 158 -8.55 11.92 -10.43
C THR B 158 -9.79 12.53 -9.80
N PHE C 1 -16.38 -16.47 5.27
CA PHE C 1 -15.16 -17.13 5.80
C PHE C 1 -14.82 -18.34 4.95
N ALA C 2 -13.56 -18.43 4.50
CA ALA C 2 -13.10 -19.53 3.67
C ALA C 2 -11.59 -19.66 3.85
N CYS C 3 -11.07 -20.84 3.48
CA CYS C 3 -9.67 -21.16 3.68
C CYS C 3 -9.07 -21.83 2.45
N LYS C 4 -7.73 -21.89 2.42
CA LYS C 4 -7.03 -22.59 1.36
C LYS C 4 -5.65 -22.99 1.85
N THR C 5 -5.07 -23.99 1.19
CA THR C 5 -3.72 -24.43 1.47
C THR C 5 -2.71 -23.64 0.65
N ALA C 6 -1.43 -23.84 0.95
CA ALA C 6 -0.38 -23.15 0.21
C ALA C 6 -0.38 -23.52 -1.27
N ASN C 7 -0.85 -24.72 -1.62
CA ASN C 7 -0.89 -25.11 -3.03
C ASN C 7 -2.13 -24.61 -3.75
N GLY C 8 -3.08 -24.01 -3.05
CA GLY C 8 -4.27 -23.44 -3.66
C GLY C 8 -5.54 -24.24 -3.45
N THR C 9 -5.47 -25.42 -2.85
CA THR C 9 -6.68 -26.19 -2.58
C THR C 9 -7.53 -25.45 -1.54
N ALA C 10 -8.82 -25.29 -1.84
CA ALA C 10 -9.69 -24.48 -1.00
C ALA C 10 -10.73 -25.31 -0.28
N ILE C 11 -11.14 -24.81 0.88
CA ILE C 11 -12.39 -25.20 1.52
C ILE C 11 -13.25 -23.96 1.60
N PRO C 12 -14.40 -23.91 0.91
CA PRO C 12 -15.16 -22.65 0.81
C PRO C 12 -16.13 -22.40 1.97
N ILE C 13 -16.87 -21.29 1.85
CA ILE C 13 -17.96 -20.94 2.77
C ILE C 13 -18.75 -22.19 3.11
N GLY C 14 -19.00 -22.41 4.40
CA GLY C 14 -19.79 -23.53 4.87
C GLY C 14 -18.98 -24.73 5.31
N GLY C 15 -17.68 -24.74 5.08
CA GLY C 15 -16.82 -25.83 5.54
C GLY C 15 -16.69 -26.97 4.55
N GLY C 16 -16.07 -28.05 5.00
CA GLY C 16 -15.72 -29.18 4.11
C GLY C 16 -14.43 -29.82 4.60
N SER C 17 -13.70 -30.38 3.63
CA SER C 17 -12.46 -31.11 3.94
C SER C 17 -11.44 -30.94 2.83
N ALA C 18 -10.17 -31.14 3.18
CA ALA C 18 -9.08 -31.07 2.22
C ALA C 18 -7.89 -31.87 2.72
N ASN C 19 -7.02 -32.25 1.78
CA ASN C 19 -5.78 -32.93 2.07
C ASN C 19 -4.62 -31.94 2.04
N VAL C 20 -3.69 -32.09 2.99
CA VAL C 20 -2.49 -31.27 3.09
C VAL C 20 -1.28 -32.18 3.15
N TYR C 21 -0.36 -32.03 2.20
CA TYR C 21 0.86 -32.83 2.14
C TYR C 21 2.06 -31.99 2.53
N VAL C 22 2.81 -32.44 3.54
CA VAL C 22 3.86 -31.65 4.17
C VAL C 22 5.18 -32.40 4.14
N ASN C 23 6.26 -31.66 3.95
CA ASN C 23 7.60 -32.19 4.05
C ASN C 23 8.04 -32.25 5.51
N LEU C 24 8.68 -33.34 5.89
CA LEU C 24 9.08 -33.56 7.27
C LEU C 24 10.60 -33.78 7.33
N ALA C 25 11.21 -33.31 8.42
CA ALA C 25 12.61 -33.61 8.68
C ALA C 25 12.86 -35.11 8.48
N PRO C 26 13.84 -35.49 7.64
CA PRO C 26 14.01 -36.92 7.35
C PRO C 26 14.63 -37.72 8.48
N VAL C 27 15.32 -37.08 9.42
CA VAL C 27 15.93 -37.79 10.56
C VAL C 27 15.58 -37.04 11.84
N VAL C 28 15.10 -37.78 12.83
CA VAL C 28 14.77 -37.22 14.14
C VAL C 28 15.25 -38.22 15.20
N ASN C 29 16.08 -37.75 16.12
CA ASN C 29 16.61 -38.60 17.17
C ASN C 29 15.72 -38.59 18.40
N VAL C 30 15.86 -39.65 19.21
CA VAL C 30 15.17 -39.68 20.50
C VAL C 30 15.62 -38.46 21.31
N GLY C 31 14.66 -37.78 21.94
CA GLY C 31 14.92 -36.57 22.68
C GLY C 31 14.80 -35.27 21.89
N GLN C 32 14.64 -35.36 20.58
CA GLN C 32 14.51 -34.23 19.67
C GLN C 32 13.08 -34.13 19.13
N ASN C 33 12.66 -32.88 18.85
CA ASN C 33 11.32 -32.60 18.36
C ASN C 33 11.24 -32.66 16.84
N LEU C 34 10.22 -33.36 16.33
CA LEU C 34 9.78 -33.20 14.95
C LEU C 34 8.69 -32.12 14.91
N VAL C 35 8.94 -31.06 14.14
CA VAL C 35 8.03 -29.91 14.08
C VAL C 35 7.21 -29.99 12.79
N VAL C 36 5.89 -29.94 12.95
CA VAL C 36 4.95 -29.88 11.81
C VAL C 36 4.22 -28.54 11.92
N ASP C 37 4.73 -27.53 11.22
CA ASP C 37 4.16 -26.18 11.27
C ASP C 37 3.14 -26.00 10.15
N LEU C 38 1.86 -25.92 10.50
CA LEU C 38 0.82 -25.72 9.51
C LEU C 38 0.52 -24.24 9.25
N SER C 39 1.14 -23.33 10.02
CA SER C 39 0.94 -21.91 9.81
C SER C 39 1.47 -21.47 8.44
N THR C 40 2.42 -22.21 7.88
CA THR C 40 2.89 -21.96 6.53
C THR C 40 2.05 -22.67 5.48
N GLN C 41 1.02 -23.42 5.88
CA GLN C 41 0.32 -24.32 4.98
C GLN C 41 -1.18 -24.03 4.87
N ILE C 42 -1.80 -23.40 5.86
CA ILE C 42 -3.24 -23.20 5.91
C ILE C 42 -3.52 -21.73 6.20
N PHE C 43 -4.36 -21.10 5.36
CA PHE C 43 -4.67 -19.67 5.45
C PHE C 43 -6.17 -19.45 5.30
N CYS C 44 -6.71 -18.48 6.05
CA CYS C 44 -8.14 -18.18 6.02
C CYS C 44 -8.37 -16.66 6.04
N HIS C 45 -9.61 -16.26 5.75
CA HIS C 45 -9.98 -14.86 5.79
C HIS C 45 -11.47 -14.69 6.08
N ASN C 46 -11.83 -13.47 6.47
CA ASN C 46 -13.21 -13.06 6.74
C ASN C 46 -13.79 -12.41 5.49
N ASP C 47 -14.99 -12.81 5.10
CA ASP C 47 -15.59 -12.37 3.85
C ASP C 47 -16.45 -11.11 3.97
N TYR C 48 -16.78 -10.66 5.17
CA TYR C 48 -17.51 -9.39 5.33
C TYR C 48 -17.11 -8.72 6.65
N PRO C 49 -15.86 -8.23 6.73
CA PRO C 49 -15.40 -7.64 7.99
C PRO C 49 -16.04 -6.30 8.33
N GLU C 50 -16.73 -5.67 7.40
CA GLU C 50 -17.39 -4.40 7.70
C GLU C 50 -18.39 -4.55 8.83
N THR C 51 -19.01 -5.74 8.95
CA THR C 51 -20.07 -5.97 9.92
C THR C 51 -19.84 -7.19 10.80
N ILE C 52 -19.17 -8.21 10.29
CA ILE C 52 -19.11 -9.50 10.97
C ILE C 52 -17.70 -9.73 11.49
N THR C 53 -17.62 -10.33 12.68
CA THR C 53 -16.38 -10.83 13.26
C THR C 53 -16.44 -12.37 13.31
N ASP C 54 -15.39 -13.02 12.81
CA ASP C 54 -15.31 -14.48 12.79
C ASP C 54 -14.45 -15.00 13.94
N TYR C 55 -14.88 -16.12 14.52
CA TYR C 55 -14.21 -16.77 15.63
C TYR C 55 -13.82 -18.19 15.22
N VAL C 56 -12.57 -18.58 15.48
CA VAL C 56 -12.01 -19.82 14.95
C VAL C 56 -11.23 -20.56 16.04
N THR C 57 -11.56 -21.82 16.25
CA THR C 57 -10.85 -22.66 17.19
C THR C 57 -10.26 -23.92 16.54
N LEU C 58 -9.35 -24.57 17.26
CA LEU C 58 -8.94 -25.95 16.97
C LEU C 58 -9.89 -26.82 17.77
N GLN C 59 -10.89 -27.38 17.08
CA GLN C 59 -11.93 -28.14 17.77
C GLN C 59 -11.37 -29.46 18.33
N ARG C 60 -10.60 -30.18 17.50
CA ARG C 60 -10.01 -31.43 17.93
C ARG C 60 -8.86 -31.77 16.98
N GLY C 61 -7.87 -32.49 17.51
CA GLY C 61 -6.76 -32.96 16.70
C GLY C 61 -6.47 -34.40 17.00
N SER C 62 -6.48 -35.26 15.99
CA SER C 62 -6.24 -36.69 16.16
C SER C 62 -4.97 -37.12 15.42
N ALA C 63 -4.33 -38.16 15.95
CA ALA C 63 -3.10 -38.73 15.41
C ALA C 63 -3.38 -40.06 14.72
N TYR C 64 -2.57 -40.35 13.70
CA TYR C 64 -2.72 -41.58 12.94
C TYR C 64 -1.37 -42.15 12.53
N GLY C 65 -1.40 -43.42 12.13
CA GLY C 65 -0.22 -44.07 11.57
C GLY C 65 0.98 -44.06 12.49
N GLY C 66 2.13 -43.72 11.91
CA GLY C 66 3.39 -43.74 12.65
C GLY C 66 3.42 -42.73 13.78
N VAL C 67 2.69 -41.63 13.63
CA VAL C 67 2.64 -40.65 14.72
C VAL C 67 1.87 -41.23 15.91
N LEU C 68 0.76 -41.93 15.64
CA LEU C 68 -0.03 -42.52 16.71
C LEU C 68 0.77 -43.54 17.49
N SER C 69 1.61 -44.33 16.82
CA SER C 69 2.26 -45.44 17.50
C SER C 69 3.66 -45.13 18.02
N ASN C 70 4.37 -44.18 17.40
CA ASN C 70 5.79 -44.01 17.71
C ASN C 70 6.14 -42.66 18.32
N PHE C 71 5.19 -41.75 18.52
CA PHE C 71 5.49 -40.41 18.98
C PHE C 71 4.53 -40.00 20.09
N SER C 72 4.99 -39.05 20.91
CA SER C 72 4.15 -38.29 21.84
C SER C 72 4.47 -36.80 21.69
N GLY C 73 3.55 -35.94 22.13
CA GLY C 73 3.87 -34.51 22.08
C GLY C 73 2.69 -33.59 22.29
N THR C 74 2.79 -32.43 21.66
CA THR C 74 1.91 -31.31 21.94
C THR C 74 1.49 -30.62 20.64
N VAL C 75 0.47 -29.77 20.74
CA VAL C 75 0.05 -28.87 19.67
C VAL C 75 0.04 -27.46 20.25
N LYS C 76 0.66 -26.52 19.55
CA LYS C 76 0.68 -25.11 19.94
C LYS C 76 -0.28 -24.34 19.03
N TYR C 77 -1.23 -23.64 19.66
CA TYR C 77 -2.26 -22.87 18.96
C TYR C 77 -2.22 -21.44 19.45
N SER C 78 -1.92 -20.51 18.55
CA SER C 78 -1.84 -19.09 18.87
C SER C 78 -1.08 -18.84 20.17
N GLY C 79 0.08 -19.47 20.28
CA GLY C 79 1.01 -19.20 21.35
C GLY C 79 0.85 -20.03 22.60
N SER C 80 -0.18 -20.86 22.71
CA SER C 80 -0.38 -21.70 23.88
C SER C 80 -0.31 -23.17 23.48
N SER C 81 0.17 -23.99 24.41
CA SER C 81 0.43 -25.40 24.13
C SER C 81 -0.51 -26.31 24.91
N TYR C 82 -0.87 -27.42 24.29
CA TYR C 82 -1.79 -28.41 24.81
C TYR C 82 -1.31 -29.81 24.43
N PRO C 83 -1.66 -30.83 25.20
CA PRO C 83 -1.33 -32.20 24.80
C PRO C 83 -1.95 -32.56 23.45
N PHE C 84 -1.19 -33.30 22.63
CA PHE C 84 -1.68 -33.82 21.35
C PHE C 84 -1.51 -35.32 21.33
N PRO C 85 -2.54 -36.10 20.93
CA PRO C 85 -3.89 -35.71 20.51
C PRO C 85 -4.71 -34.95 21.57
N THR C 86 -5.61 -34.09 21.10
CA THR C 86 -6.28 -33.14 21.97
C THR C 86 -7.37 -33.79 22.81
N THR C 87 -7.69 -33.15 23.94
CA THR C 87 -8.77 -33.57 24.82
C THR C 87 -9.86 -32.52 24.99
N SER C 88 -9.71 -31.34 24.40
CA SER C 88 -10.73 -30.31 24.51
C SER C 88 -10.53 -29.26 23.42
N GLU C 89 -11.57 -28.48 23.19
CA GLU C 89 -11.51 -27.38 22.23
C GLU C 89 -10.67 -26.23 22.77
N THR C 90 -9.94 -25.56 21.88
CA THR C 90 -9.07 -24.47 22.28
C THR C 90 -9.86 -23.18 22.42
N PRO C 91 -9.24 -22.13 22.95
CA PRO C 91 -9.84 -20.79 22.85
C PRO C 91 -9.82 -20.31 21.40
N ARG C 92 -10.62 -19.28 21.14
CA ARG C 92 -10.83 -18.81 19.78
C ARG C 92 -9.79 -17.79 19.34
N VAL C 93 -9.61 -17.69 18.01
CA VAL C 93 -8.80 -16.68 17.36
C VAL C 93 -9.74 -15.83 16.49
N VAL C 94 -9.52 -14.52 16.48
CA VAL C 94 -10.37 -13.59 15.74
C VAL C 94 -9.84 -13.40 14.32
N TYR C 95 -10.73 -13.48 13.33
CA TYR C 95 -10.44 -13.11 11.96
C TYR C 95 -11.34 -11.95 11.57
N ASN C 96 -10.72 -10.83 11.16
CA ASN C 96 -11.46 -9.59 10.98
C ASN C 96 -10.98 -8.83 9.75
N SER C 97 -10.46 -9.53 8.75
CA SER C 97 -9.97 -8.90 7.54
C SER C 97 -10.13 -9.85 6.36
N ARG C 98 -10.32 -9.26 5.16
CA ARG C 98 -10.31 -10.07 3.95
C ARG C 98 -8.90 -10.53 3.57
N THR C 99 -7.85 -9.96 4.15
CA THR C 99 -6.50 -10.39 3.83
C THR C 99 -6.22 -11.76 4.43
N ASP C 100 -5.68 -12.67 3.63
CA ASP C 100 -5.41 -14.02 4.13
C ASP C 100 -4.45 -13.99 5.31
N LYS C 101 -4.73 -14.81 6.32
CA LYS C 101 -3.95 -14.89 7.54
C LYS C 101 -3.71 -16.35 7.87
N PRO C 102 -2.52 -16.69 8.37
CA PRO C 102 -2.25 -18.08 8.76
C PRO C 102 -3.20 -18.59 9.84
N TRP C 103 -3.47 -19.90 9.80
CA TRP C 103 -4.10 -20.60 10.90
C TRP C 103 -2.97 -21.06 11.82
N PRO C 104 -2.84 -20.49 13.04
CA PRO C 104 -1.60 -20.64 13.79
C PRO C 104 -1.52 -21.93 14.60
N VAL C 105 -1.30 -23.05 13.90
CA VAL C 105 -1.23 -24.37 14.50
C VAL C 105 0.12 -25.00 14.15
N ALA C 106 0.74 -25.66 15.14
CA ALA C 106 1.95 -26.43 14.89
C ALA C 106 2.02 -27.61 15.85
N LEU C 107 2.51 -28.75 15.36
CA LEU C 107 2.70 -29.94 16.17
C LEU C 107 4.16 -30.10 16.55
N TYR C 108 4.42 -30.54 17.79
CA TYR C 108 5.76 -30.84 18.28
C TYR C 108 5.77 -32.26 18.80
N LEU C 109 6.45 -33.16 18.07
CA LEU C 109 6.36 -34.59 18.28
C LEU C 109 7.74 -35.17 18.52
N THR C 110 7.88 -36.00 19.55
CA THR C 110 9.17 -36.58 19.88
C THR C 110 9.08 -38.11 19.93
N PRO C 111 10.07 -38.82 19.39
CA PRO C 111 9.95 -40.28 19.27
C PRO C 111 10.10 -40.99 20.61
N VAL C 112 9.35 -42.08 20.78
CA VAL C 112 9.55 -42.93 21.95
C VAL C 112 10.87 -43.68 21.82
N SER C 113 11.41 -44.09 22.98
CA SER C 113 12.76 -44.66 23.01
C SER C 113 12.88 -45.87 22.09
N SER C 114 11.93 -46.79 22.16
CA SER C 114 12.03 -48.06 21.45
C SER C 114 11.74 -47.93 19.95
N ALA C 115 11.36 -46.73 19.48
CA ALA C 115 11.18 -46.54 18.05
C ALA C 115 12.50 -46.71 17.32
N GLY C 116 12.45 -47.26 16.11
CA GLY C 116 13.65 -47.49 15.33
C GLY C 116 13.41 -47.61 13.84
N GLY C 117 14.36 -47.10 13.06
CA GLY C 117 14.20 -47.15 11.61
C GLY C 117 13.17 -46.15 11.13
N VAL C 118 12.34 -46.59 10.18
CA VAL C 118 11.32 -45.73 9.58
C VAL C 118 10.14 -45.66 10.54
N ALA C 119 9.93 -44.50 11.14
CA ALA C 119 8.86 -44.28 12.10
C ALA C 119 7.60 -43.67 11.48
N ILE C 120 7.74 -42.99 10.34
CA ILE C 120 6.61 -42.44 9.59
C ILE C 120 6.85 -42.79 8.13
N LYS C 121 5.85 -43.39 7.49
CA LYS C 121 5.96 -43.81 6.11
C LYS C 121 5.48 -42.75 5.14
N ALA C 122 6.24 -42.58 4.05
CA ALA C 122 5.89 -41.65 2.99
C ALA C 122 4.45 -41.88 2.53
N GLY C 123 3.69 -40.79 2.42
CA GLY C 123 2.33 -40.83 1.93
C GLY C 123 1.27 -41.22 2.93
N SER C 124 1.65 -41.49 4.18
CA SER C 124 0.69 -41.93 5.18
C SER C 124 0.02 -40.74 5.85
N LEU C 125 -1.22 -40.96 6.31
CA LEU C 125 -1.91 -39.97 7.11
C LEU C 125 -1.28 -39.92 8.50
N ILE C 126 -0.94 -38.72 8.96
CA ILE C 126 -0.30 -38.55 10.27
C ILE C 126 -1.21 -37.82 11.26
N ALA C 127 -2.14 -37.00 10.79
CA ALA C 127 -3.00 -36.27 11.71
C ALA C 127 -4.23 -35.75 10.98
N VAL C 128 -5.28 -35.49 11.76
CA VAL C 128 -6.47 -34.79 11.27
C VAL C 128 -6.75 -33.65 12.25
N LEU C 129 -6.84 -32.43 11.74
CA LEU C 129 -7.08 -31.25 12.56
C LEU C 129 -8.38 -30.59 12.09
N ILE C 130 -9.29 -30.34 13.03
CA ILE C 130 -10.62 -29.80 12.72
C ILE C 130 -10.67 -28.34 13.14
N LEU C 131 -10.86 -27.46 12.15
CA LEU C 131 -11.05 -26.04 12.36
C LEU C 131 -12.53 -25.74 12.48
N ARG C 132 -12.92 -25.05 13.54
CA ARG C 132 -14.32 -24.73 13.77
C ARG C 132 -14.53 -23.23 13.70
N GLN C 133 -15.52 -22.79 12.91
CA GLN C 133 -15.75 -21.37 12.67
C GLN C 133 -17.17 -20.97 13.06
N THR C 134 -17.28 -19.91 13.89
CA THR C 134 -18.54 -19.28 14.26
C THR C 134 -18.40 -17.77 14.05
N ASN C 135 -19.37 -16.96 14.46
CA ASN C 135 -19.29 -15.51 14.30
C ASN C 135 -20.17 -14.82 15.36
N ASN C 136 -20.19 -13.49 15.30
CA ASN C 136 -21.00 -12.67 16.21
C ASN C 136 -22.29 -12.18 15.55
N TYR C 137 -22.70 -12.84 14.48
CA TYR C 137 -23.72 -12.31 13.58
C TYR C 137 -24.93 -13.22 13.43
N ASN C 138 -24.72 -14.52 13.26
CA ASN C 138 -25.84 -15.46 13.08
C ASN C 138 -25.45 -16.77 13.77
N SER C 139 -26.16 -17.85 13.44
CA SER C 139 -25.95 -19.13 14.10
C SER C 139 -25.00 -20.05 13.33
N ASP C 140 -24.28 -19.54 12.33
CA ASP C 140 -23.36 -20.38 11.57
C ASP C 140 -22.39 -21.09 12.50
N ASP C 141 -22.17 -22.38 12.24
CA ASP C 141 -21.24 -23.21 13.03
C ASP C 141 -20.67 -24.26 12.09
N PHE C 142 -19.54 -23.95 11.47
CA PHE C 142 -19.01 -24.73 10.35
C PHE C 142 -17.67 -25.37 10.70
N GLN C 143 -17.44 -26.58 10.18
CA GLN C 143 -16.21 -27.31 10.43
C GLN C 143 -15.40 -27.47 9.14
N PHE C 144 -14.08 -27.22 9.24
CA PHE C 144 -13.12 -27.38 8.14
C PHE C 144 -12.14 -28.47 8.57
N VAL C 145 -12.17 -29.61 7.90
CA VAL C 145 -11.41 -30.80 8.28
C VAL C 145 -10.14 -30.91 7.42
N TRP C 146 -8.98 -30.85 8.06
CA TRP C 146 -7.69 -30.88 7.36
C TRP C 146 -7.01 -32.23 7.62
N ASN C 147 -6.87 -33.02 6.55
CA ASN C 147 -6.20 -34.31 6.62
C ASN C 147 -4.74 -34.12 6.25
N ILE C 148 -3.83 -34.41 7.18
CA ILE C 148 -2.42 -34.09 7.06
C ILE C 148 -1.66 -35.36 6.68
N TYR C 149 -0.94 -35.32 5.56
CA TYR C 149 -0.20 -36.47 5.07
C TYR C 149 1.31 -36.18 5.05
N ALA C 150 2.09 -37.24 5.29
CA ALA C 150 3.54 -37.14 5.19
C ALA C 150 3.97 -37.27 3.74
N ASN C 151 4.86 -36.36 3.29
CA ASN C 151 5.39 -36.44 1.94
C ASN C 151 6.51 -37.47 1.83
N ASN C 152 7.26 -37.69 2.92
CA ASN C 152 8.47 -38.47 2.89
C ASN C 152 8.57 -39.33 4.14
N ASP C 153 9.50 -40.29 4.10
CA ASP C 153 9.82 -41.11 5.26
C ASP C 153 10.48 -40.26 6.33
N VAL C 154 10.24 -40.63 7.59
CA VAL C 154 10.96 -40.07 8.72
C VAL C 154 11.67 -41.19 9.45
N VAL C 155 12.97 -41.03 9.70
CA VAL C 155 13.82 -42.08 10.24
C VAL C 155 14.24 -41.68 11.65
N VAL C 156 14.20 -42.64 12.57
CA VAL C 156 14.70 -42.49 13.93
C VAL C 156 15.90 -43.42 14.08
N PRO C 157 17.11 -42.89 14.27
CA PRO C 157 18.27 -43.79 14.47
C PRO C 157 18.20 -44.49 15.81
N THR C 158 18.51 -45.79 15.79
CA THR C 158 18.67 -46.54 17.04
C THR C 158 20.16 -46.56 17.42
N PHE D 1 -21.94 -14.95 -3.35
CA PHE D 1 -21.86 -14.33 -4.70
C PHE D 1 -20.88 -13.17 -4.72
N ALA D 2 -19.97 -13.18 -5.70
CA ALA D 2 -18.97 -12.13 -5.83
C ALA D 2 -18.51 -12.05 -7.29
N CYS D 3 -17.90 -10.92 -7.63
CA CYS D 3 -17.49 -10.67 -9.00
C CYS D 3 -16.08 -10.08 -9.05
N LYS D 4 -15.48 -10.10 -10.24
CA LYS D 4 -14.18 -9.48 -10.47
C LYS D 4 -14.02 -9.19 -11.95
N THR D 5 -13.10 -8.27 -12.25
CA THR D 5 -12.81 -7.92 -13.64
C THR D 5 -11.62 -8.74 -14.18
N ALA D 6 -11.39 -8.59 -15.49
CA ALA D 6 -10.24 -9.25 -16.11
C ALA D 6 -8.93 -8.75 -15.52
N ASN D 7 -8.92 -7.54 -14.97
CA ASN D 7 -7.73 -7.00 -14.34
C ASN D 7 -7.53 -7.49 -12.90
N GLY D 8 -8.53 -8.16 -12.32
CA GLY D 8 -8.40 -8.73 -11.00
C GLY D 8 -9.07 -7.95 -9.89
N THR D 9 -9.54 -6.73 -10.15
CA THR D 9 -10.23 -5.97 -9.13
C THR D 9 -11.57 -6.62 -8.82
N ALA D 10 -11.85 -6.83 -7.54
CA ALA D 10 -13.02 -7.58 -7.12
C ALA D 10 -14.03 -6.66 -6.44
N ILE D 11 -15.30 -7.04 -6.55
CA ILE D 11 -16.37 -6.55 -5.68
C ILE D 11 -16.86 -7.74 -4.86
N PRO D 12 -16.69 -7.75 -3.55
CA PRO D 12 -16.95 -8.96 -2.76
C PRO D 12 -18.43 -9.12 -2.42
N ILE D 13 -18.70 -10.19 -1.65
CA ILE D 13 -20.02 -10.45 -1.09
C ILE D 13 -20.62 -9.15 -0.56
N GLY D 14 -21.86 -8.89 -0.92
CA GLY D 14 -22.57 -7.72 -0.45
C GLY D 14 -22.56 -6.53 -1.40
N GLY D 15 -21.78 -6.59 -2.47
CA GLY D 15 -21.77 -5.52 -3.44
C GLY D 15 -20.76 -4.43 -3.16
N GLY D 16 -20.88 -3.36 -3.94
CA GLY D 16 -19.88 -2.29 -3.94
C GLY D 16 -19.77 -1.71 -5.36
N SER D 17 -18.58 -1.20 -5.66
CA SER D 17 -18.32 -0.55 -6.94
C SER D 17 -16.89 -0.79 -7.38
N ALA D 18 -16.66 -0.68 -8.68
CA ALA D 18 -15.33 -0.85 -9.24
C ALA D 18 -15.25 -0.12 -10.58
N ASN D 19 -14.02 0.18 -11.01
CA ASN D 19 -13.77 0.80 -12.30
C ASN D 19 -13.32 -0.25 -13.30
N VAL D 20 -13.81 -0.14 -14.54
CA VAL D 20 -13.45 -1.04 -15.62
C VAL D 20 -12.97 -0.20 -16.79
N TYR D 21 -11.74 -0.41 -17.23
CA TYR D 21 -11.11 0.31 -18.33
C TYR D 21 -11.04 -0.60 -19.55
N VAL D 22 -11.61 -0.13 -20.68
CA VAL D 22 -11.80 -0.96 -21.85
C VAL D 22 -11.20 -0.30 -23.07
N ASN D 23 -10.62 -1.13 -23.96
CA ASN D 23 -10.14 -0.68 -25.26
C ASN D 23 -11.30 -0.60 -26.25
N LEU D 24 -11.31 0.47 -27.03
CA LEU D 24 -12.39 0.73 -27.98
C LEU D 24 -11.82 0.85 -29.38
N ALA D 25 -12.59 0.40 -30.37
CA ALA D 25 -12.24 0.62 -31.77
C ALA D 25 -11.86 2.08 -31.97
N PRO D 26 -10.67 2.38 -32.52
CA PRO D 26 -10.23 3.78 -32.60
C PRO D 26 -10.95 4.60 -33.67
N VAL D 27 -11.58 3.96 -34.67
CA VAL D 27 -12.32 4.68 -35.70
C VAL D 27 -13.67 4.00 -35.87
N VAL D 28 -14.75 4.79 -35.81
CA VAL D 28 -16.10 4.31 -36.04
C VAL D 28 -16.83 5.33 -36.90
N ASN D 29 -17.41 4.88 -38.00
CA ASN D 29 -18.12 5.77 -38.92
C ASN D 29 -19.59 5.87 -38.57
N VAL D 30 -20.21 6.95 -39.05
CA VAL D 30 -21.64 7.14 -38.91
C VAL D 30 -22.36 5.95 -39.52
N GLY D 31 -23.33 5.40 -38.81
CA GLY D 31 -24.05 4.24 -39.26
C GLY D 31 -23.43 2.92 -38.84
N GLN D 32 -22.25 2.94 -38.24
CA GLN D 32 -21.52 1.74 -37.83
C GLN D 32 -21.60 1.61 -36.31
N ASN D 33 -21.62 0.37 -35.85
CA ASN D 33 -21.73 0.07 -34.43
C ASN D 33 -20.35 0.07 -33.77
N LEU D 34 -20.24 0.78 -32.65
CA LEU D 34 -19.14 0.59 -31.71
C LEU D 34 -19.58 -0.43 -30.66
N VAL D 35 -18.85 -1.54 -30.56
CA VAL D 35 -19.23 -2.64 -29.68
C VAL D 35 -18.38 -2.55 -28.42
N VAL D 36 -19.03 -2.53 -27.27
CA VAL D 36 -18.36 -2.53 -25.96
C VAL D 36 -18.82 -3.81 -25.27
N ASP D 37 -18.03 -4.87 -25.39
CA ASP D 37 -18.40 -6.19 -24.85
C ASP D 37 -17.78 -6.36 -23.47
N LEU D 38 -18.62 -6.35 -22.44
CA LEU D 38 -18.17 -6.52 -21.05
C LEU D 38 -18.15 -7.98 -20.63
N SER D 39 -18.62 -8.88 -21.48
CA SER D 39 -18.58 -10.31 -21.18
C SER D 39 -17.15 -10.83 -21.11
N THR D 40 -16.22 -10.16 -21.79
CA THR D 40 -14.80 -10.49 -21.65
C THR D 40 -14.13 -9.79 -20.47
N GLN D 41 -14.88 -8.95 -19.74
CA GLN D 41 -14.29 -8.06 -18.76
C GLN D 41 -14.80 -8.27 -17.34
N ILE D 42 -16.01 -8.83 -17.17
CA ILE D 42 -16.66 -8.93 -15.87
C ILE D 42 -17.12 -10.37 -15.68
N PHE D 43 -16.76 -10.99 -14.54
CA PHE D 43 -17.06 -12.38 -14.24
C PHE D 43 -17.56 -12.50 -12.80
N CYS D 44 -18.51 -13.40 -12.58
CA CYS D 44 -19.11 -13.61 -11.26
C CYS D 44 -19.31 -15.11 -10.99
N HIS D 45 -19.57 -15.45 -9.73
CA HIS D 45 -19.82 -16.84 -9.36
C HIS D 45 -20.70 -16.92 -8.12
N ASN D 46 -21.26 -18.11 -7.90
CA ASN D 46 -22.10 -18.47 -6.76
C ASN D 46 -21.23 -19.13 -5.68
N ASP D 47 -21.36 -18.68 -4.43
CA ASP D 47 -20.47 -19.14 -3.37
C ASP D 47 -20.98 -20.36 -2.61
N TYR D 48 -22.25 -20.74 -2.77
CA TYR D 48 -22.76 -21.97 -2.13
C TYR D 48 -23.81 -22.60 -3.02
N PRO D 49 -23.41 -23.14 -4.17
CA PRO D 49 -24.40 -23.70 -5.12
C PRO D 49 -25.03 -24.99 -4.65
N GLU D 50 -24.48 -25.62 -3.61
CA GLU D 50 -25.10 -26.84 -3.09
C GLU D 50 -26.54 -26.60 -2.66
N THR D 51 -26.84 -25.39 -2.17
CA THR D 51 -28.16 -25.09 -1.64
C THR D 51 -28.81 -23.86 -2.25
N ILE D 52 -28.02 -22.89 -2.68
CA ILE D 52 -28.56 -21.58 -3.06
C ILE D 52 -28.43 -21.39 -4.57
N THR D 53 -29.45 -20.76 -5.17
CA THR D 53 -29.42 -20.31 -6.55
C THR D 53 -29.45 -18.78 -6.57
N ASP D 54 -28.53 -18.19 -7.33
CA ASP D 54 -28.42 -16.73 -7.43
C ASP D 54 -29.09 -16.23 -8.70
N TYR D 55 -29.73 -15.07 -8.60
CA TYR D 55 -30.44 -14.42 -9.71
C TYR D 55 -29.83 -13.05 -9.95
N VAL D 56 -29.50 -12.74 -11.20
CA VAL D 56 -28.72 -11.54 -11.54
C VAL D 56 -29.37 -10.82 -12.72
N THR D 57 -29.63 -9.53 -12.54
CA THR D 57 -30.20 -8.69 -13.58
C THR D 57 -29.27 -7.50 -13.89
N LEU D 58 -29.53 -6.85 -15.03
CA LEU D 58 -29.02 -5.50 -15.28
C LEU D 58 -30.10 -4.54 -14.77
N GLN D 59 -29.87 -3.98 -13.58
CA GLN D 59 -30.87 -3.10 -12.98
C GLN D 59 -30.99 -1.79 -13.72
N ARG D 60 -29.85 -1.21 -14.10
CA ARG D 60 -29.84 0.11 -14.72
C ARG D 60 -28.59 0.26 -15.55
N GLY D 61 -28.70 1.03 -16.64
CA GLY D 61 -27.54 1.41 -17.42
C GLY D 61 -27.62 2.86 -17.83
N SER D 62 -26.63 3.67 -17.46
CA SER D 62 -26.59 5.09 -17.77
C SER D 62 -25.40 5.44 -18.66
N ALA D 63 -25.58 6.50 -19.46
CA ALA D 63 -24.54 6.95 -20.39
C ALA D 63 -23.94 8.27 -19.90
N TYR D 64 -22.66 8.46 -20.21
CA TYR D 64 -21.94 9.66 -19.79
C TYR D 64 -21.00 10.15 -20.88
N GLY D 65 -20.58 11.40 -20.73
CA GLY D 65 -19.56 11.97 -21.60
C GLY D 65 -19.91 11.94 -23.08
N GLY D 66 -18.92 11.51 -23.86
CA GLY D 66 -19.06 11.48 -25.31
C GLY D 66 -20.13 10.50 -25.78
N VAL D 67 -20.37 9.43 -25.02
CA VAL D 67 -21.44 8.52 -25.36
C VAL D 67 -22.80 9.21 -25.19
N LEU D 68 -22.96 9.97 -24.11
CA LEU D 68 -24.23 10.63 -23.85
C LEU D 68 -24.55 11.64 -24.95
N SER D 69 -23.53 12.34 -25.45
CA SER D 69 -23.79 13.43 -26.38
C SER D 69 -23.68 13.04 -27.85
N ASN D 70 -22.88 12.02 -28.19
CA ASN D 70 -22.56 11.77 -29.60
C ASN D 70 -23.04 10.44 -30.14
N PHE D 71 -23.72 9.63 -29.34
CA PHE D 71 -24.13 8.30 -29.77
C PHE D 71 -25.58 8.01 -29.37
N SER D 72 -26.20 7.06 -30.08
CA SER D 72 -27.42 6.40 -29.63
C SER D 72 -27.19 4.89 -29.73
N GLY D 73 -28.00 4.09 -29.06
CA GLY D 73 -27.84 2.66 -29.24
C GLY D 73 -28.60 1.79 -28.26
N THR D 74 -28.03 0.59 -28.02
CA THR D 74 -28.72 -0.49 -27.35
C THR D 74 -27.75 -1.22 -26.42
N VAL D 75 -28.35 -2.00 -25.51
CA VAL D 75 -27.61 -2.93 -24.66
C VAL D 75 -28.19 -4.33 -24.89
N LYS D 76 -27.31 -5.32 -25.04
CA LYS D 76 -27.72 -6.71 -25.21
C LYS D 76 -27.40 -7.45 -23.92
N TYR D 77 -28.40 -8.11 -23.34
CA TYR D 77 -28.26 -8.84 -22.09
C TYR D 77 -28.76 -10.27 -22.30
N SER D 78 -27.86 -11.23 -22.19
CA SER D 78 -28.19 -12.64 -22.37
C SER D 78 -29.07 -12.87 -23.60
N GLY D 79 -28.66 -12.29 -24.71
CA GLY D 79 -29.27 -12.58 -25.99
C GLY D 79 -30.43 -11.71 -26.39
N SER D 80 -30.91 -10.81 -25.53
CA SER D 80 -32.00 -9.91 -25.86
C SER D 80 -31.53 -8.47 -25.80
N SER D 81 -32.10 -7.62 -26.66
CA SER D 81 -31.65 -6.24 -26.80
C SER D 81 -32.70 -5.26 -26.30
N TYR D 82 -32.23 -4.16 -25.72
CA TYR D 82 -33.05 -3.11 -25.13
C TYR D 82 -32.43 -1.76 -25.45
N PRO D 83 -33.23 -0.69 -25.47
CA PRO D 83 -32.65 0.65 -25.64
C PRO D 83 -31.68 0.98 -24.51
N PHE D 84 -30.59 1.66 -24.87
CA PHE D 84 -29.59 2.14 -23.91
C PHE D 84 -29.42 3.64 -24.09
N PRO D 85 -29.47 4.45 -23.02
CA PRO D 85 -29.66 4.12 -21.59
C PRO D 85 -31.00 3.45 -21.28
N THR D 86 -30.98 2.61 -20.24
CA THR D 86 -32.08 1.69 -19.98
C THR D 86 -33.28 2.40 -19.37
N THR D 87 -34.46 1.82 -19.59
CA THR D 87 -35.70 2.31 -18.99
C THR D 87 -36.37 1.31 -18.07
N SER D 88 -35.83 0.10 -17.94
CA SER D 88 -36.40 -0.88 -17.02
C SER D 88 -35.37 -1.97 -16.73
N GLU D 89 -35.61 -2.68 -15.63
CA GLU D 89 -34.75 -3.80 -15.24
C GLU D 89 -34.98 -4.98 -16.18
N THR D 90 -33.89 -5.71 -16.45
CA THR D 90 -33.95 -6.83 -17.38
C THR D 90 -34.46 -8.09 -16.68
N PRO D 91 -34.74 -9.14 -17.46
CA PRO D 91 -34.93 -10.48 -16.88
C PRO D 91 -33.63 -11.00 -16.29
N ARG D 92 -33.75 -12.00 -15.41
CA ARG D 92 -32.59 -12.45 -14.66
C ARG D 92 -31.80 -13.52 -15.40
N VAL D 93 -30.54 -13.67 -14.99
CA VAL D 93 -29.68 -14.78 -15.41
C VAL D 93 -29.30 -15.59 -14.18
N VAL D 94 -29.28 -16.91 -14.31
CA VAL D 94 -29.02 -17.80 -13.18
C VAL D 94 -27.52 -18.04 -13.03
N TYR D 95 -27.03 -17.95 -11.81
CA TYR D 95 -25.66 -18.36 -11.46
C TYR D 95 -25.75 -19.51 -10.46
N ASN D 96 -25.14 -20.66 -10.80
CA ASN D 96 -25.34 -21.87 -10.01
C ASN D 96 -24.06 -22.70 -9.91
N SER D 97 -22.90 -22.06 -9.98
CA SER D 97 -21.62 -22.77 -9.91
C SER D 97 -20.56 -21.86 -9.31
N ARG D 98 -19.57 -22.47 -8.65
CA ARG D 98 -18.42 -21.69 -8.17
C ARG D 98 -17.46 -21.32 -9.29
N THR D 99 -17.59 -21.93 -10.47
CA THR D 99 -16.73 -21.58 -11.60
C THR D 99 -17.15 -20.22 -12.16
N ASP D 100 -16.17 -19.34 -12.36
CA ASP D 100 -16.47 -17.99 -12.82
C ASP D 100 -17.16 -18.03 -14.17
N LYS D 101 -18.17 -17.18 -14.35
CA LYS D 101 -18.97 -17.10 -15.55
C LYS D 101 -19.11 -15.65 -15.98
N PRO D 102 -19.03 -15.36 -17.29
CA PRO D 102 -19.17 -13.97 -17.74
C PRO D 102 -20.52 -13.37 -17.36
N TRP D 103 -20.51 -12.05 -17.11
CA TRP D 103 -21.74 -11.26 -17.03
C TRP D 103 -22.10 -10.86 -18.45
N PRO D 104 -23.20 -11.39 -19.04
CA PRO D 104 -23.37 -11.29 -20.51
C PRO D 104 -24.01 -9.99 -20.96
N VAL D 105 -23.24 -8.91 -20.90
CA VAL D 105 -23.69 -7.57 -21.24
C VAL D 105 -22.80 -7.01 -22.33
N ALA D 106 -23.40 -6.36 -23.32
CA ALA D 106 -22.64 -5.67 -24.36
C ALA D 106 -23.40 -4.44 -24.82
N LEU D 107 -22.66 -3.35 -25.08
CA LEU D 107 -23.24 -2.13 -25.60
C LEU D 107 -22.98 -2.02 -27.09
N TYR D 108 -23.98 -1.53 -27.83
CA TYR D 108 -23.88 -1.28 -29.26
C TYR D 108 -24.26 0.16 -29.49
N LEU D 109 -23.26 0.98 -29.83
CA LEU D 109 -23.39 2.43 -29.88
C LEU D 109 -23.04 2.92 -31.28
N THR D 110 -23.88 3.77 -31.85
CA THR D 110 -23.63 4.26 -33.19
C THR D 110 -23.58 5.80 -33.19
N PRO D 111 -22.62 6.40 -33.86
CA PRO D 111 -22.47 7.86 -33.78
C PRO D 111 -23.56 8.58 -34.54
N VAL D 112 -23.99 9.71 -34.01
CA VAL D 112 -24.92 10.60 -34.72
C VAL D 112 -24.18 11.28 -35.87
N SER D 113 -24.95 11.75 -36.86
CA SER D 113 -24.35 12.27 -38.08
C SER D 113 -23.37 13.40 -37.81
N SER D 114 -23.78 14.40 -37.06
CA SER D 114 -22.99 15.64 -36.95
C SER D 114 -21.82 15.53 -36.00
N ALA D 115 -21.65 14.42 -35.29
CA ALA D 115 -20.47 14.26 -34.48
C ALA D 115 -19.25 14.32 -35.40
N GLY D 116 -18.16 14.88 -34.88
CA GLY D 116 -16.98 15.06 -35.69
C GLY D 116 -15.70 15.08 -34.88
N GLY D 117 -14.63 14.52 -35.45
CA GLY D 117 -13.41 14.41 -34.69
C GLY D 117 -13.54 13.32 -33.66
N VAL D 118 -13.04 13.60 -32.47
CA VAL D 118 -13.07 12.63 -31.37
C VAL D 118 -14.41 12.67 -30.66
N ALA D 119 -15.12 11.55 -30.71
CA ALA D 119 -16.42 11.44 -30.07
C ALA D 119 -16.35 10.91 -28.66
N ILE D 120 -15.25 10.24 -28.30
CA ILE D 120 -15.01 9.76 -26.95
C ILE D 120 -13.55 10.05 -26.58
N LYS D 121 -13.33 10.71 -25.44
CA LYS D 121 -11.99 11.11 -25.03
C LYS D 121 -11.34 10.03 -24.16
N ALA D 122 -10.05 9.80 -24.42
CA ALA D 122 -9.27 8.86 -23.62
C ALA D 122 -9.42 9.14 -22.13
N GLY D 123 -9.67 8.08 -21.37
CA GLY D 123 -9.75 8.16 -19.93
C GLY D 123 -11.07 8.66 -19.38
N SER D 124 -12.04 8.99 -20.23
CA SER D 124 -13.31 9.53 -19.76
C SER D 124 -14.29 8.40 -19.41
N LEU D 125 -15.19 8.70 -18.49
CA LEU D 125 -16.29 7.79 -18.15
C LEU D 125 -17.31 7.76 -19.27
N ILE D 126 -17.69 6.56 -19.71
CA ILE D 126 -18.65 6.41 -20.79
C ILE D 126 -19.97 5.79 -20.34
N ALA D 127 -19.98 5.00 -19.26
CA ALA D 127 -21.23 4.38 -18.82
C ALA D 127 -21.07 3.87 -17.39
N VAL D 128 -22.22 3.71 -16.73
CA VAL D 128 -22.30 3.04 -15.44
C VAL D 128 -23.37 1.96 -15.55
N LEU D 129 -23.00 0.72 -15.25
CA LEU D 129 -23.90 -0.42 -15.33
C LEU D 129 -24.06 -1.06 -13.95
N ILE D 130 -25.31 -1.24 -13.51
CA ILE D 130 -25.58 -1.72 -12.16
C ILE D 130 -26.08 -3.17 -12.25
N LEU D 131 -25.32 -4.08 -11.66
CA LEU D 131 -25.69 -5.48 -11.52
C LEU D 131 -26.39 -5.66 -10.17
N ARG D 132 -27.58 -6.27 -10.21
CA ARG D 132 -28.37 -6.53 -9.01
C ARG D 132 -28.47 -8.04 -8.79
N GLN D 133 -28.15 -8.49 -7.58
CA GLN D 133 -28.12 -9.92 -7.26
C GLN D 133 -29.06 -10.23 -6.12
N THR D 134 -29.94 -11.23 -6.34
CA THR D 134 -30.82 -11.79 -5.31
C THR D 134 -30.66 -13.31 -5.34
N ASN D 135 -31.46 -14.04 -4.56
CA ASN D 135 -31.35 -15.49 -4.53
C ASN D 135 -32.69 -16.09 -4.12
N ASN D 136 -32.73 -17.41 -4.03
CA ASN D 136 -33.93 -18.14 -3.63
C ASN D 136 -33.88 -18.58 -2.18
N TYR D 137 -33.03 -17.95 -1.37
CA TYR D 137 -32.68 -18.44 -0.05
C TYR D 137 -32.99 -17.47 1.08
N ASN D 138 -32.67 -16.19 0.94
CA ASN D 138 -32.91 -15.20 1.99
C ASN D 138 -33.35 -13.89 1.33
N SER D 139 -33.30 -12.80 2.08
CA SER D 139 -33.74 -11.50 1.58
C SER D 139 -32.62 -10.65 0.98
N ASP D 140 -31.45 -11.22 0.72
CA ASP D 140 -30.34 -10.46 0.14
C ASP D 140 -30.75 -9.78 -1.15
N ASP D 141 -30.35 -8.51 -1.29
CA ASP D 141 -30.63 -7.71 -2.49
C ASP D 141 -29.48 -6.71 -2.63
N PHE D 142 -28.46 -7.11 -3.40
CA PHE D 142 -27.19 -6.40 -3.44
C PHE D 142 -26.90 -5.84 -4.83
N GLN D 143 -26.26 -4.68 -4.88
CA GLN D 143 -25.90 -4.02 -6.13
C GLN D 143 -24.40 -3.92 -6.31
N PHE D 144 -23.96 -4.21 -7.53
CA PHE D 144 -22.58 -4.17 -7.97
C PHE D 144 -22.51 -3.11 -9.07
N VAL D 145 -21.84 -1.99 -8.80
CA VAL D 145 -21.83 -0.83 -9.69
C VAL D 145 -20.51 -0.80 -10.46
N TRP D 146 -20.61 -0.91 -11.78
CA TRP D 146 -19.44 -0.95 -12.65
C TRP D 146 -19.32 0.37 -13.41
N ASN D 147 -18.27 1.13 -13.12
CA ASN D 147 -17.99 2.39 -13.82
C ASN D 147 -17.07 2.10 -15.00
N ILE D 148 -17.56 2.38 -16.21
CA ILE D 148 -16.89 1.98 -17.45
C ILE D 148 -16.16 3.18 -18.01
N TYR D 149 -14.84 3.04 -18.19
CA TYR D 149 -13.99 4.10 -18.72
C TYR D 149 -13.35 3.71 -20.05
N ALA D 150 -13.18 4.69 -20.93
CA ALA D 150 -12.48 4.47 -22.19
C ALA D 150 -10.98 4.57 -22.00
N ASN D 151 -10.25 3.60 -22.53
CA ASN D 151 -8.79 3.66 -22.51
C ASN D 151 -8.22 4.58 -23.57
N ASN D 152 -8.91 4.75 -24.70
CA ASN D 152 -8.35 5.46 -25.83
C ASN D 152 -9.41 6.33 -26.50
N ASP D 153 -8.93 7.25 -27.33
CA ASP D 153 -9.82 8.10 -28.11
C ASP D 153 -10.58 7.27 -29.14
N VAL D 154 -11.81 7.68 -29.41
CA VAL D 154 -12.59 7.11 -30.50
C VAL D 154 -12.91 8.24 -31.47
N VAL D 155 -12.64 8.00 -32.75
CA VAL D 155 -12.74 9.01 -33.79
C VAL D 155 -13.88 8.66 -34.74
N VAL D 156 -14.64 9.67 -35.12
CA VAL D 156 -15.69 9.54 -36.13
C VAL D 156 -15.31 10.41 -37.32
N PRO D 157 -15.04 9.84 -38.48
CA PRO D 157 -14.75 10.67 -39.66
C PRO D 157 -15.99 11.41 -40.11
N THR D 158 -15.84 12.70 -40.40
CA THR D 158 -16.94 13.47 -40.98
C THR D 158 -16.83 13.45 -42.50
N PHE E 1 2.53 -6.48 21.29
CA PHE E 1 1.84 -5.16 21.35
C PHE E 1 1.89 -4.45 20.00
N ALA E 2 0.72 -3.99 19.53
CA ALA E 2 0.61 -3.30 18.26
C ALA E 2 -0.60 -2.39 18.32
N CYS E 3 -0.64 -1.40 17.43
CA CYS E 3 -1.69 -0.40 17.41
C CYS E 3 -2.23 -0.18 16.00
N LYS E 4 -3.36 0.51 15.91
CA LYS E 4 -3.95 0.84 14.61
C LYS E 4 -4.81 2.10 14.74
N THR E 5 -5.00 2.78 13.62
CA THR E 5 -5.83 3.98 13.60
C THR E 5 -7.29 3.59 13.32
N ALA E 6 -8.18 4.57 13.47
CA ALA E 6 -9.60 4.34 13.23
C ALA E 6 -9.88 3.94 11.79
N ASN E 7 -9.13 4.46 10.84
CA ASN E 7 -9.32 4.13 9.43
C ASN E 7 -8.59 2.86 9.02
N GLY E 8 -7.84 2.25 9.91
CA GLY E 8 -7.16 0.98 9.64
C GLY E 8 -5.66 1.05 9.46
N THR E 9 -5.07 2.24 9.42
CA THR E 9 -3.62 2.33 9.33
C THR E 9 -3.00 1.81 10.62
N ALA E 10 -2.05 0.89 10.51
CA ALA E 10 -1.47 0.25 11.69
C ALA E 10 0.03 0.44 11.81
N ILE E 11 0.49 0.40 13.06
CA ILE E 11 1.90 0.32 13.42
C ILE E 11 2.14 -1.02 14.13
N PRO E 12 2.99 -1.89 13.58
CA PRO E 12 3.11 -3.24 14.15
C PRO E 12 4.06 -3.37 15.31
N ILE E 13 4.23 -4.60 15.80
CA ILE E 13 5.23 -4.94 16.83
C ILE E 13 6.54 -4.25 16.52
N GLY E 14 7.13 -3.60 17.53
CA GLY E 14 8.40 -2.93 17.40
C GLY E 14 8.30 -1.43 17.16
N GLY E 15 7.11 -0.91 16.93
CA GLY E 15 6.94 0.52 16.76
C GLY E 15 7.08 0.94 15.31
N GLY E 16 7.11 2.26 15.12
CA GLY E 16 7.06 2.85 13.80
C GLY E 16 6.33 4.19 13.84
N SER E 17 5.72 4.53 12.70
CA SER E 17 5.05 5.83 12.57
C SER E 17 3.84 5.69 11.66
N ALA E 18 2.89 6.62 11.85
CA ALA E 18 1.69 6.68 11.03
C ALA E 18 1.11 8.09 11.08
N ASN E 19 0.32 8.42 10.06
CA ASN E 19 -0.39 9.70 9.99
C ASN E 19 -1.84 9.53 10.41
N VAL E 20 -2.35 10.52 11.14
CA VAL E 20 -3.73 10.53 11.61
C VAL E 20 -4.37 11.85 11.17
N TYR E 21 -5.43 11.77 10.38
CA TYR E 21 -6.18 12.93 9.89
C TYR E 21 -7.51 13.05 10.63
N VAL E 22 -7.74 14.21 11.24
CA VAL E 22 -8.86 14.38 12.15
C VAL E 22 -9.70 15.59 11.73
N ASN E 23 -11.01 15.47 11.90
CA ASN E 23 -11.92 16.58 11.68
C ASN E 23 -11.97 17.47 12.92
N LEU E 24 -11.94 18.78 12.70
CA LEU E 24 -11.89 19.75 13.78
C LEU E 24 -13.09 20.70 13.68
N ALA E 25 -13.57 21.14 14.85
CA ALA E 25 -14.60 22.17 14.91
C ALA E 25 -14.21 23.33 13.99
N PRO E 26 -15.07 23.71 13.04
CA PRO E 26 -14.67 24.75 12.07
C PRO E 26 -14.60 26.15 12.65
N VAL E 27 -15.28 26.42 13.76
CA VAL E 27 -15.23 27.72 14.41
C VAL E 27 -14.97 27.50 15.90
N VAL E 28 -13.99 28.23 16.43
CA VAL E 28 -13.69 28.19 17.85
C VAL E 28 -13.47 29.63 18.29
N ASN E 29 -14.25 30.06 19.27
CA ASN E 29 -14.10 31.41 19.79
C ASN E 29 -13.04 31.44 20.88
N VAL E 30 -12.43 32.61 21.05
CA VAL E 30 -11.49 32.81 22.13
C VAL E 30 -12.16 32.53 23.45
N GLY E 31 -11.43 31.88 24.34
CA GLY E 31 -12.00 31.42 25.58
C GLY E 31 -12.71 30.11 25.50
N GLN E 32 -12.78 29.53 24.32
CA GLN E 32 -13.41 28.25 24.11
C GLN E 32 -12.33 27.22 23.79
N ASN E 33 -12.58 25.98 24.23
CA ASN E 33 -11.63 24.89 24.01
C ASN E 33 -11.90 24.25 22.67
N LEU E 34 -10.84 24.06 21.88
CA LEU E 34 -10.86 23.15 20.74
C LEU E 34 -10.41 21.79 21.25
N VAL E 35 -11.27 20.79 21.14
CA VAL E 35 -10.99 19.45 21.66
C VAL E 35 -10.57 18.55 20.51
N VAL E 36 -9.39 17.94 20.65
CA VAL E 36 -8.90 16.94 19.69
C VAL E 36 -8.79 15.63 20.46
N ASP E 37 -9.82 14.80 20.37
CA ASP E 37 -9.91 13.54 21.10
C ASP E 37 -9.34 12.42 20.23
N LEU E 38 -8.17 11.91 20.60
CA LEU E 38 -7.55 10.82 19.87
C LEU E 38 -7.98 9.43 20.37
N SER E 39 -8.75 9.36 21.45
CA SER E 39 -9.21 8.07 21.97
C SER E 39 -10.21 7.39 21.02
N THR E 40 -10.92 8.17 20.20
CA THR E 40 -11.79 7.60 19.17
C THR E 40 -11.02 7.22 17.91
N GLN E 41 -9.72 7.46 17.91
CA GLN E 41 -8.91 7.41 16.71
C GLN E 41 -7.68 6.52 16.75
N ILE E 42 -7.19 6.14 17.92
CA ILE E 42 -5.98 5.32 18.06
C ILE E 42 -6.30 4.18 19.03
N PHE E 43 -6.00 2.94 18.62
CA PHE E 43 -6.30 1.75 19.43
C PHE E 43 -5.11 0.81 19.44
N CYS E 44 -4.90 0.14 20.59
CA CYS E 44 -3.78 -0.78 20.76
C CYS E 44 -4.22 -2.03 21.52
N HIS E 45 -3.38 -3.06 21.51
CA HIS E 45 -3.66 -4.29 22.25
C HIS E 45 -2.37 -5.02 22.62
N ASN E 46 -2.50 -5.93 23.58
CA ASN E 46 -1.42 -6.79 24.08
C ASN E 46 -1.47 -8.14 23.38
N ASP E 47 -0.34 -8.60 22.88
CA ASP E 47 -0.31 -9.82 22.07
C ASP E 47 -0.10 -11.12 22.83
N TYR E 48 0.34 -11.07 24.09
CA TYR E 48 0.46 -12.27 24.92
C TYR E 48 0.06 -11.94 26.35
N PRO E 49 -1.23 -11.75 26.59
CA PRO E 49 -1.69 -11.34 27.93
C PRO E 49 -1.66 -12.43 28.99
N GLU E 50 -1.52 -13.70 28.65
CA GLU E 50 -1.53 -14.73 29.70
C GLU E 50 -0.37 -14.56 30.68
N THR E 51 0.80 -14.13 30.19
CA THR E 51 1.97 -14.01 31.06
C THR E 51 2.61 -12.63 31.03
N ILE E 52 2.38 -11.83 29.99
CA ILE E 52 3.05 -10.54 29.87
C ILE E 52 2.07 -9.39 30.12
N THR E 53 2.56 -8.33 30.77
CA THR E 53 1.83 -7.09 30.94
C THR E 53 2.56 -5.95 30.23
N ASP E 54 1.82 -5.18 29.44
CA ASP E 54 2.37 -4.05 28.71
C ASP E 54 2.08 -2.74 29.45
N TYR E 55 3.05 -1.83 29.43
CA TYR E 55 2.95 -0.52 30.05
C TYR E 55 3.14 0.55 28.98
N VAL E 56 2.25 1.55 28.97
CA VAL E 56 2.20 2.52 27.88
C VAL E 56 2.12 3.93 28.46
N THR E 57 3.02 4.79 28.01
CA THR E 57 3.03 6.18 28.43
C THR E 57 2.92 7.11 27.23
N LEU E 58 2.55 8.36 27.48
CA LEU E 58 2.73 9.44 26.52
C LEU E 58 4.11 10.04 26.77
N GLN E 59 5.07 9.66 25.94
CA GLN E 59 6.44 10.14 26.14
C GLN E 59 6.56 11.63 25.89
N ARG E 60 6.01 12.10 24.78
CA ARG E 60 6.13 13.51 24.44
C ARG E 60 5.03 13.89 23.46
N GLY E 61 4.61 15.15 23.55
CA GLY E 61 3.67 15.73 22.61
C GLY E 61 4.16 17.09 22.18
N SER E 62 4.31 17.28 20.88
CA SER E 62 4.82 18.53 20.32
C SER E 62 3.75 19.17 19.45
N ALA E 63 3.79 20.51 19.38
CA ALA E 63 2.83 21.29 18.61
C ALA E 63 3.48 21.85 17.36
N TYR E 64 2.69 22.02 16.31
CA TYR E 64 3.21 22.54 15.06
C TYR E 64 2.19 23.45 14.39
N GLY E 65 2.70 24.23 13.43
CA GLY E 65 1.84 25.05 12.60
C GLY E 65 0.98 26.01 13.40
N GLY E 66 -0.30 26.06 13.05
CA GLY E 66 -1.22 27.00 13.68
C GLY E 66 -1.43 26.73 15.15
N VAL E 67 -1.32 25.47 15.58
CA VAL E 67 -1.44 25.16 17.00
C VAL E 67 -0.26 25.74 17.77
N LEU E 68 0.95 25.65 17.21
CA LEU E 68 2.11 26.16 17.90
C LEU E 68 2.02 27.68 18.11
N SER E 69 1.49 28.39 17.12
CA SER E 69 1.53 29.85 17.14
C SER E 69 0.25 30.51 17.66
N ASN E 70 -0.90 29.87 17.52
CA ASN E 70 -2.17 30.53 17.79
C ASN E 70 -2.93 29.94 18.97
N PHE E 71 -2.39 28.93 19.63
CA PHE E 71 -3.12 28.27 20.70
C PHE E 71 -2.22 28.03 21.91
N SER E 72 -2.87 27.88 23.06
CA SER E 72 -2.27 27.35 24.27
C SER E 72 -3.19 26.26 24.79
N GLY E 73 -2.66 25.37 25.63
CA GLY E 73 -3.55 24.39 26.23
C GLY E 73 -2.84 23.24 26.91
N THR E 74 -3.55 22.11 26.97
CA THR E 74 -3.19 20.98 27.80
C THR E 74 -3.45 19.68 27.05
N VAL E 75 -2.91 18.59 27.58
CA VAL E 75 -3.24 17.24 27.13
C VAL E 75 -3.73 16.44 28.33
N LYS E 76 -4.82 15.70 28.14
CA LYS E 76 -5.38 14.85 29.19
C LYS E 76 -5.05 13.39 28.87
N TYR E 77 -4.44 12.70 29.83
CA TYR E 77 -4.04 11.31 29.66
C TYR E 77 -4.62 10.49 30.82
N SER E 78 -5.51 9.57 30.47
CA SER E 78 -6.16 8.68 31.44
C SER E 78 -6.62 9.45 32.67
N GLY E 79 -7.32 10.55 32.43
CA GLY E 79 -7.99 11.29 33.48
C GLY E 79 -7.18 12.38 34.14
N SER E 80 -5.90 12.53 33.80
CA SER E 80 -5.08 13.59 34.37
C SER E 80 -4.59 14.53 33.28
N SER E 81 -4.44 15.81 33.63
CA SER E 81 -4.12 16.87 32.68
C SER E 81 -2.73 17.43 32.94
N TYR E 82 -2.06 17.79 31.86
CA TYR E 82 -0.70 18.30 31.86
C TYR E 82 -0.57 19.39 30.81
N PRO E 83 0.40 20.29 30.96
CA PRO E 83 0.62 21.30 29.91
C PRO E 83 1.00 20.66 28.58
N PHE E 84 0.48 21.24 27.49
CA PHE E 84 0.84 20.82 26.13
C PHE E 84 1.34 22.04 25.38
N PRO E 85 2.49 21.98 24.69
CA PRO E 85 3.43 20.85 24.53
C PRO E 85 4.01 20.31 25.84
N THR E 86 4.35 19.03 25.85
CA THR E 86 4.70 18.34 27.09
C THR E 86 6.08 18.74 27.60
N THR E 87 6.23 18.62 28.92
CA THR E 87 7.49 18.86 29.59
C THR E 87 8.02 17.64 30.33
N SER E 88 7.27 16.55 30.36
CA SER E 88 7.74 15.32 31.01
C SER E 88 6.88 14.15 30.57
N GLU E 89 7.41 12.95 30.79
CA GLU E 89 6.68 11.72 30.48
C GLU E 89 5.55 11.51 31.48
N THR E 90 4.45 10.94 30.99
CA THR E 90 3.27 10.70 31.82
C THR E 90 3.41 9.40 32.61
N PRO E 91 2.50 9.15 33.56
CA PRO E 91 2.42 7.81 34.17
C PRO E 91 1.95 6.79 33.15
N ARG E 92 2.18 5.52 33.50
CA ARG E 92 1.91 4.43 32.57
C ARG E 92 0.44 4.02 32.63
N VAL E 93 -0.03 3.46 31.50
CA VAL E 93 -1.34 2.83 31.38
C VAL E 93 -1.11 1.36 31.07
N VAL E 94 -1.88 0.48 31.68
CA VAL E 94 -1.68 -0.96 31.53
C VAL E 94 -2.49 -1.45 30.34
N TYR E 95 -1.87 -2.25 29.48
CA TYR E 95 -2.54 -2.97 28.41
C TYR E 95 -2.43 -4.45 28.71
N ASN E 96 -3.60 -5.10 28.83
CA ASN E 96 -3.70 -6.41 29.45
C ASN E 96 -4.67 -7.34 28.77
N SER E 97 -4.94 -7.13 27.50
CA SER E 97 -5.90 -7.95 26.77
C SER E 97 -5.57 -7.88 25.28
N ARG E 98 -5.92 -8.93 24.54
CA ARG E 98 -5.81 -8.87 23.09
C ARG E 98 -6.90 -8.01 22.46
N THR E 99 -7.94 -7.65 23.22
CA THR E 99 -8.99 -6.78 22.69
C THR E 99 -8.46 -5.37 22.54
N ASP E 100 -8.72 -4.76 21.37
CA ASP E 100 -8.27 -3.40 21.13
C ASP E 100 -8.87 -2.45 22.15
N LYS E 101 -8.06 -1.52 22.63
CA LYS E 101 -8.44 -0.56 23.66
C LYS E 101 -7.98 0.83 23.24
N PRO E 102 -8.80 1.86 23.47
CA PRO E 102 -8.38 3.21 23.08
C PRO E 102 -7.10 3.64 23.79
N TRP E 103 -6.30 4.46 23.10
CA TRP E 103 -5.21 5.18 23.72
C TRP E 103 -5.80 6.47 24.27
N PRO E 104 -5.88 6.64 25.59
CA PRO E 104 -6.75 7.70 26.15
C PRO E 104 -6.07 9.06 26.21
N VAL E 105 -5.94 9.69 25.04
CA VAL E 105 -5.29 10.98 24.89
C VAL E 105 -6.28 11.96 24.26
N ALA E 106 -6.30 13.19 24.76
CA ALA E 106 -7.09 14.26 24.17
C ALA E 106 -6.38 15.58 24.40
N LEU E 107 -6.41 16.45 23.39
CA LEU E 107 -5.84 17.78 23.48
C LEU E 107 -6.96 18.79 23.72
N TYR E 108 -6.67 19.79 24.55
CA TYR E 108 -7.59 20.89 24.82
C TYR E 108 -6.84 22.18 24.55
N LEU E 109 -7.22 22.85 23.46
CA LEU E 109 -6.47 24.00 22.94
C LEU E 109 -7.41 25.21 22.86
N THR E 110 -6.94 26.34 23.37
CA THR E 110 -7.75 27.55 23.36
C THR E 110 -7.03 28.68 22.62
N PRO E 111 -7.72 29.43 21.78
CA PRO E 111 -7.04 30.44 20.95
C PRO E 111 -6.57 31.63 21.79
N VAL E 112 -5.41 32.18 21.41
CA VAL E 112 -4.94 33.41 22.03
C VAL E 112 -5.78 34.58 21.55
N SER E 113 -5.82 35.63 22.38
CA SER E 113 -6.61 36.80 22.04
C SER E 113 -6.26 37.33 20.65
N SER E 114 -4.96 37.40 20.37
CA SER E 114 -4.44 38.06 19.18
C SER E 114 -4.67 37.27 17.91
N ALA E 115 -5.14 36.03 18.00
CA ALA E 115 -5.48 35.22 16.82
C ALA E 115 -6.74 35.73 16.12
N GLY E 116 -6.76 35.62 14.79
CA GLY E 116 -7.91 36.03 14.01
C GLY E 116 -8.00 35.38 12.64
N GLY E 117 -9.20 35.07 12.17
CA GLY E 117 -9.29 34.43 10.87
C GLY E 117 -8.87 32.97 10.95
N VAL E 118 -8.05 32.56 10.00
CA VAL E 118 -7.66 31.16 9.85
C VAL E 118 -6.57 30.86 10.88
N ALA E 119 -6.89 30.06 11.90
CA ALA E 119 -5.91 29.70 12.91
C ALA E 119 -5.25 28.35 12.66
N ILE E 120 -5.90 27.46 11.93
CA ILE E 120 -5.32 26.18 11.53
C ILE E 120 -5.70 25.96 10.07
N LYS E 121 -4.71 25.70 9.22
CA LYS E 121 -4.95 25.54 7.79
C LYS E 121 -5.18 24.08 7.46
N ALA E 122 -6.16 23.83 6.60
CA ALA E 122 -6.49 22.49 6.13
C ALA E 122 -5.26 21.74 5.65
N GLY E 123 -5.13 20.51 6.11
CA GLY E 123 -4.06 19.63 5.69
C GLY E 123 -2.74 19.84 6.38
N SER E 124 -2.66 20.81 7.31
CA SER E 124 -1.40 21.10 7.97
C SER E 124 -1.20 20.19 9.18
N LEU E 125 0.07 19.95 9.50
CA LEU E 125 0.43 19.22 10.70
C LEU E 125 0.20 20.08 11.94
N ILE E 126 -0.48 19.51 12.94
CA ILE E 126 -0.77 20.23 14.17
C ILE E 126 -0.04 19.64 15.38
N ALA E 127 0.30 18.36 15.37
CA ALA E 127 0.94 17.78 16.55
C ALA E 127 1.61 16.46 16.22
N VAL E 128 2.57 16.09 17.07
CA VAL E 128 3.18 14.77 17.06
C VAL E 128 3.12 14.22 18.48
N LEU E 129 2.52 13.05 18.63
CA LEU E 129 2.35 12.39 19.92
C LEU E 129 3.08 11.05 19.88
N ILE E 130 3.96 10.84 20.87
CA ILE E 130 4.78 9.63 20.90
C ILE E 130 4.30 8.71 22.01
N LEU E 131 3.87 7.51 21.61
CA LEU E 131 3.50 6.44 22.51
C LEU E 131 4.71 5.57 22.78
N ARG E 132 5.03 5.35 24.06
CA ARG E 132 6.16 4.54 24.45
C ARG E 132 5.64 3.28 25.15
N GLN E 133 6.11 2.12 24.69
CA GLN E 133 5.65 0.83 25.20
C GLN E 133 6.81 0.03 25.77
N THR E 134 6.66 -0.43 27.01
CA THR E 134 7.57 -1.33 27.70
C THR E 134 6.74 -2.48 28.26
N ASN E 135 7.37 -3.36 29.03
CA ASN E 135 6.65 -4.49 29.59
C ASN E 135 7.35 -4.98 30.85
N ASN E 136 6.79 -6.02 31.47
CA ASN E 136 7.33 -6.61 32.69
C ASN E 136 8.08 -7.91 32.41
N TYR E 137 8.47 -8.14 31.16
CA TYR E 137 8.97 -9.43 30.69
C TYR E 137 10.38 -9.36 30.14
N ASN E 138 10.68 -8.39 29.29
CA ASN E 138 12.00 -8.28 28.69
C ASN E 138 12.37 -6.81 28.64
N SER E 139 13.40 -6.49 27.86
CA SER E 139 13.95 -5.14 27.79
C SER E 139 13.37 -4.32 26.65
N ASP E 140 12.28 -4.78 26.03
CA ASP E 140 11.67 -4.04 24.93
C ASP E 140 11.34 -2.61 25.34
N ASP E 141 11.64 -1.67 24.45
CA ASP E 141 11.36 -0.25 24.66
C ASP E 141 11.09 0.35 23.28
N PHE E 142 9.81 0.39 22.90
CA PHE E 142 9.37 0.70 21.55
C PHE E 142 8.59 2.01 21.53
N GLN E 143 8.78 2.77 20.45
CA GLN E 143 8.08 4.04 20.25
C GLN E 143 7.17 4.01 19.05
N PHE E 144 5.94 4.51 19.25
CA PHE E 144 4.93 4.61 18.19
C PHE E 144 4.64 6.09 17.96
N VAL E 145 4.98 6.60 16.79
CA VAL E 145 4.94 8.03 16.51
C VAL E 145 3.69 8.33 15.69
N TRP E 146 2.79 9.15 16.23
CA TRP E 146 1.54 9.51 15.59
C TRP E 146 1.61 10.97 15.14
N ASN E 147 1.60 11.19 13.83
CA ASN E 147 1.61 12.54 13.26
C ASN E 147 0.17 12.97 12.99
N ILE E 148 -0.26 14.06 13.64
CA ILE E 148 -1.66 14.46 13.65
C ILE E 148 -1.86 15.61 12.68
N TYR E 149 -2.76 15.42 11.70
CA TYR E 149 -3.04 16.40 10.67
C TYR E 149 -4.46 16.91 10.73
N ALA E 150 -4.64 18.19 10.41
CA ALA E 150 -5.96 18.81 10.35
C ALA E 150 -6.59 18.52 9.00
N ASN E 151 -7.85 18.06 9.02
CA ASN E 151 -8.58 17.81 7.79
C ASN E 151 -9.14 19.09 7.18
N ASN E 152 -9.44 20.10 8.01
CA ASN E 152 -10.17 21.27 7.57
C ASN E 152 -9.61 22.52 8.25
N ASP E 153 -10.01 23.68 7.73
CA ASP E 153 -9.66 24.95 8.36
C ASP E 153 -10.38 25.11 9.69
N VAL E 154 -9.73 25.80 10.62
CA VAL E 154 -10.33 26.21 11.88
C VAL E 154 -10.27 27.72 11.96
N VAL E 155 -11.41 28.36 12.22
CA VAL E 155 -11.55 29.81 12.17
C VAL E 155 -11.82 30.32 13.57
N VAL E 156 -11.16 31.43 13.92
CA VAL E 156 -11.39 32.13 15.18
C VAL E 156 -11.97 33.51 14.84
N PRO E 157 -13.22 33.79 15.21
CA PRO E 157 -13.76 35.13 14.95
C PRO E 157 -13.09 36.19 15.80
N THR E 158 -12.77 37.32 15.18
CA THR E 158 -12.26 38.48 15.91
C THR E 158 -13.44 39.39 16.26
C1 MMA F . 16.69 42.29 -31.75
C2 MMA F . 17.90 41.85 -32.57
C3 MMA F . 17.90 40.30 -32.57
C4 MMA F . 18.01 39.83 -31.07
C5 MMA F . 16.79 40.35 -30.28
C6 MMA F . 17.06 40.17 -28.73
C7 MMA F . 14.56 42.39 -32.15
O1 MMA F . 15.60 41.70 -32.44
O2 MMA F . 19.13 42.21 -31.99
O3 MMA F . 19.04 39.83 -33.18
O4 MMA F . 17.94 38.41 -31.03
O5 MMA F . 16.72 41.77 -30.44
O6 MMA F . 17.23 38.84 -28.45
H1 MMA F . 16.62 43.36 -31.58
H2 MMA F . 17.85 42.29 -33.56
H3 MMA F . 17.00 39.90 -33.04
H4 MMA F . 18.92 40.21 -30.62
H5 MMA F . 15.86 39.85 -30.57
H61 MMA F . 16.23 40.56 -28.14
H62 MMA F . 17.94 40.73 -28.42
H71 MMA F . 13.76 41.90 -32.71
H72 MMA F . 14.81 43.39 -32.49
H73 MMA F . 14.48 42.29 -31.06
HO2 MMA F . 19.84 41.67 -32.43
HO3 MMA F . 19.38 39.05 -32.66
HO4 MMA F . 17.71 38.16 -30.10
C1 MAN F . 17.08 38.57 -27.02
C2 MAN F . 17.59 37.15 -26.73
C3 MAN F . 16.64 36.12 -27.37
C4 MAN F . 15.21 36.35 -26.81
C5 MAN F . 14.78 37.84 -27.14
C6 MAN F . 13.41 38.15 -26.53
O2 MAN F . 17.58 36.84 -25.33
O3 MAN F . 16.98 34.79 -27.05
O4 MAN F . 14.38 35.54 -27.46
O5 MAN F . 15.72 38.70 -26.55
O6 MAN F . 13.41 38.06 -25.09
H2 MAN F . 18.60 37.05 -27.11
H3 MAN F . 16.67 36.24 -28.46
H4 MAN F . 15.18 36.20 -25.73
H5 MAN F . 14.70 38.03 -28.21
H61 MAN F . 12.68 37.47 -26.97
H62 MAN F . 13.13 39.16 -26.85
HO2 MAN F . 17.99 35.94 -25.22
HO3 MAN F . 17.58 34.43 -27.76
HO4 MAN F . 13.65 35.28 -26.83
HO6 MAN F . 12.72 37.38 -24.84
C1 MMA G . 33.41 -25.41 -0.67
C2 MMA G . 34.49 -25.20 -1.74
C3 MMA G . 34.65 -23.64 -1.91
C4 MMA G . 33.29 -23.07 -2.37
C5 MMA G . 32.22 -23.32 -1.22
C6 MMA G . 30.81 -23.02 -1.83
C7 MMA G . 33.21 -24.96 1.46
O1 MMA G . 34.06 -24.91 0.51
O2 MMA G . 34.13 -25.72 -2.97
O3 MMA G . 35.56 -23.35 -2.92
O4 MMA G . 33.37 -21.65 -2.48
O5 MMA G . 32.21 -24.70 -0.90
O6 MMA G . 30.75 -21.68 -2.25
H1 MMA G . 33.03 -26.43 -0.62
H2 MMA G . 35.42 -25.67 -1.46
H3 MMA G . 34.94 -23.17 -0.98
H4 MMA G . 33.00 -23.55 -3.30
H5 MMA G . 32.39 -22.72 -0.32
H61 MMA G . 30.02 -23.21 -1.10
H62 MMA G . 30.60 -23.67 -2.68
H71 MMA G . 33.76 -24.58 2.32
H72 MMA G . 32.94 -26.01 1.51
H73 MMA G . 32.40 -24.30 1.12
HO2 MMA G . 34.52 -25.15 -3.68
HO3 MMA G . 35.27 -22.52 -3.37
HO4 MMA G . 32.46 -21.31 -2.28
C1 MAN G . 29.39 -21.27 -2.48
C2 MAN G . 29.42 -19.92 -3.27
C3 MAN G . 29.98 -18.80 -2.35
C4 MAN G . 29.18 -18.72 -1.05
C5 MAN G . 29.22 -20.13 -0.38
C6 MAN G . 28.35 -20.07 0.89
O2 MAN G . 28.12 -19.58 -3.61
O3 MAN G . 29.87 -17.50 -2.90
O4 MAN G . 29.83 -17.83 -0.13
O5 MAN G . 28.65 -21.07 -1.30
O6 MAN G . 26.98 -19.85 0.53
H2 MAN G . 30.03 -19.99 -4.17
H3 MAN G . 31.03 -19.02 -2.18
H4 MAN G . 28.16 -18.43 -1.25
H5 MAN G . 30.22 -20.47 -0.09
H61 MAN G . 28.72 -19.29 1.54
H62 MAN G . 28.47 -21.01 1.44
HO2 MAN G . 28.00 -18.62 -3.39
HO3 MAN G . 30.73 -17.24 -3.31
HO4 MAN G . 29.12 -17.40 0.41
HO6 MAN G . 26.68 -19.03 1.01
C1 MMA H . -24.09 -11.31 3.86
C2 MMA H . -25.37 -12.13 3.81
C3 MMA H . -25.37 -13.05 5.05
C4 MMA H . -24.10 -13.96 4.95
C5 MMA H . -22.81 -13.06 4.94
C6 MMA H . -21.60 -13.94 4.52
C7 MMA H . -23.36 -9.64 5.03
O1 MMA H . -24.17 -10.60 5.11
O2 MMA H . -25.41 -12.98 2.68
O3 MMA H . -26.49 -13.89 5.09
O4 MMA H . -24.00 -14.76 6.13
O5 MMA H . -22.94 -12.09 3.87
O6 MMA H . -21.38 -14.95 5.49
H1 MMA H . -23.97 -10.68 2.97
H2 MMA H . -26.25 -11.49 3.78
H3 MMA H . -25.35 -12.47 5.98
H4 MMA H . -24.14 -14.55 4.04
H5 MMA H . -22.63 -12.58 5.91
H61 MMA H . -20.70 -13.34 4.42
H62 MMA H . -21.76 -14.41 3.54
H71 MMA H . -23.44 -9.14 5.99
H72 MMA H . -23.73 -9.05 4.19
H73 MMA H . -22.41 -10.13 4.85
HO2 MMA H . -26.16 -12.68 2.09
HO3 MMA H . -27.22 -13.46 4.57
HO4 MMA H . -23.05 -15.05 6.20
C1 MAN H . -20.15 -15.65 5.18
C2 MAN H . -20.15 -16.97 5.94
C3 MAN H . -20.21 -16.70 7.49
C4 MAN H . -19.03 -15.79 7.83
C5 MAN H . -19.12 -14.49 6.98
C6 MAN H . -17.92 -13.61 7.25
O2 MAN H . -18.92 -17.65 5.78
O3 MAN H . -20.06 -17.86 8.28
O4 MAN H . -19.13 -15.38 9.18
O5 MAN H . -19.07 -14.89 5.58
O6 MAN H . -16.70 -14.36 6.98
H2 MAN H . -20.97 -17.59 5.58
H3 MAN H . -21.17 -16.26 7.74
H4 MAN H . -18.09 -16.31 7.63
H5 MAN H . -20.02 -13.90 7.17
H61 MAN H . -17.95 -13.28 8.29
H62 MAN H . -17.98 -12.71 6.64
HO2 MAN H . -19.07 -18.60 6.01
HO3 MAN H . -20.95 -18.18 8.56
HO4 MAN H . -18.21 -15.16 9.49
HO6 MAN H . -16.10 -14.25 7.75
C1 MMA I . -24.10 -19.90 4.34
C2 MMA I . -24.53 -18.97 5.50
C3 MMA I . -25.61 -18.02 4.97
C4 MMA I . -24.92 -17.20 3.80
C5 MMA I . -24.44 -18.16 2.69
C6 MMA I . -23.52 -17.31 1.75
C7 MMA I . -24.98 -21.54 3.22
O1 MMA I . -25.29 -20.57 3.98
O2 MMA I . -23.45 -18.19 5.88
O3 MMA I . -26.02 -17.04 5.89
O4 MMA I . -25.91 -16.33 3.22
O5 MMA I . -23.58 -19.17 3.21
O6 MMA I . -24.32 -16.42 1.08
H1 MMA I . -23.28 -20.57 4.60
H2 MMA I . -24.92 -19.52 6.35
H3 MMA I . -26.49 -18.58 4.66
H4 MMA I . -24.06 -16.64 4.16
H5 MMA I . -25.28 -18.65 2.19
H61 MMA I . -23.00 -17.95 1.04
H62 MMA I . -22.76 -16.78 2.31
H71 MMA I . -25.93 -22.02 3.01
H72 MMA I . -24.29 -22.13 3.82
H73 MMA I . -24.51 -21.04 2.36
HO2 MMA I . -23.31 -18.31 6.86
HO3 MMA I . -25.36 -16.30 5.86
HO4 MMA I . -25.60 -16.13 2.30
C1 MAN I . -23.56 -15.76 0.04
C2 MAN I . -24.17 -14.37 -0.26
C3 MAN I . -25.57 -14.53 -0.88
C4 MAN I . -25.47 -15.46 -2.09
C5 MAN I . -24.82 -16.83 -1.61
C6 MAN I . -24.69 -17.75 -2.82
O2 MAN I . -23.38 -13.71 -1.22
O3 MAN I . -26.07 -13.29 -1.39
O4 MAN I . -26.69 -15.84 -2.57
O5 MAN I . -23.55 -16.55 -1.12
O6 MAN I . -23.79 -17.13 -3.74
H2 MAN I . -24.23 -13.78 0.66
H3 MAN I . -26.26 -14.91 -0.12
H4 MAN I . -24.89 -14.94 -2.85
H5 MAN I . -25.39 -17.36 -0.85
H61 MAN I . -25.68 -17.91 -3.27
H62 MAN I . -24.34 -18.73 -2.50
HO2 MAN I . -24.00 -13.26 -1.85
HO3 MAN I . -26.62 -12.85 -0.69
HO4 MAN I . -26.73 -15.54 -3.52
HO6 MAN I . -24.14 -17.27 -4.66
C1 MMA J . 6.50 -14.53 22.60
C2 MMA J . 7.98 -14.69 22.16
C3 MMA J . 8.75 -13.43 22.66
C4 MMA J . 8.07 -12.17 22.02
C5 MMA J . 6.57 -12.11 22.44
C6 MMA J . 5.84 -11.04 21.54
C7 MMA J . 5.46 -14.83 24.48
O1 MMA J . 6.58 -14.46 24.02
O2 MMA J . 8.11 -14.67 20.79
O3 MMA J . 10.07 -13.39 22.19
O4 MMA J . 8.65 -11.02 22.56
O5 MMA J . 5.93 -13.35 22.10
O6 MMA J . 6.43 -9.78 21.74
H1 MMA J . 5.86 -15.30 22.20
H2 MMA J . 8.40 -15.61 22.56
H3 MMA J . 8.74 -13.39 23.75
H4 MMA J . 8.14 -12.21 20.94
H5 MMA J . 6.44 -11.89 23.51
H61 MMA J . 4.78 -10.98 21.79
H62 MMA J . 5.90 -11.31 20.50
H71 MMA J . 5.60 -14.76 25.56
H72 MMA J . 5.35 -15.85 24.10
H73 MMA J . 4.76 -14.11 24.07
HO2 MMA J . 9.05 -14.49 20.56
HO3 MMA J . 10.27 -12.46 21.91
HO4 MMA J . 8.02 -10.26 22.37
C1 MAN J . 5.53 -8.73 21.35
C2 MAN J . 6.20 -7.34 21.43
C3 MAN J . 6.56 -6.99 22.91
C4 MAN J . 5.23 -7.12 23.75
C5 MAN J . 4.68 -8.58 23.55
C6 MAN J . 3.37 -8.75 24.32
O2 MAN J . 5.31 -6.33 21.07
O3 MAN J . 7.02 -5.69 23.09
O4 MAN J . 5.49 -6.99 25.09
O5 MAN J . 4.38 -8.75 22.17
O6 MAN J . 2.41 -7.88 23.75
H2 MAN J . 7.08 -7.35 20.80
H3 MAN J . 7.34 -7.66 23.26
H4 MAN J . 4.51 -6.38 23.41
H5 MAN J . 5.38 -9.34 23.91
H61 MAN J . 3.54 -8.53 25.38
H62 MAN J . 3.06 -9.80 24.26
HO2 MAN J . 5.81 -5.48 21.07
HO3 MAN J . 8.00 -5.68 23.07
HO4 MAN J . 4.70 -6.58 25.52
HO6 MAN J . 2.06 -7.30 24.48
#